data_8BYU
#
_entry.id   8BYU
#
_cell.length_a   97.240
_cell.length_b   78.309
_cell.length_c   98.162
_cell.angle_alpha   90.00
_cell.angle_beta   91.94
_cell.angle_gamma   90.00
#
_symmetry.space_group_name_H-M   'C 1 2 1'
#
loop_
_entity.id
_entity.type
_entity.pdbx_description
1 polymer 'Fab Heavy Chain'
2 polymer 'Fab Light Chain'
3 polymer 'ADP-ribosyl cyclase/cyclic ADP-ribose hydrolase 1'
4 non-polymer 'SULFATE ION'
5 non-polymer GLYCEROL
6 non-polymer 1,2-ETHANEDIOL
7 water water
#
loop_
_entity_poly.entity_id
_entity_poly.type
_entity_poly.pdbx_seq_one_letter_code
_entity_poly.pdbx_strand_id
1 'polypeptide(L)'
;QVQLVQSGAEVKKPGSSVKVSCKAFGGTFSSYAISWVRQAPGQGLEWMGRIIRFLGIANYAQKFQGRVTLIADKSTNTAY
MELSSLRSEDTAVYYCAGEPGERDPDAVDIWGQGTMVTVSSASTKGPSVFPLAPSSKSTSGGTAALGCLVKDYFPEPVTV
SWNSGALTSGVHTFPAVLQSSGLYSLSSVVTVPSSSLGTQTYICNVNHKPSNTKVDKRVEPKSCDKTHTHHHHHH
;
H
2 'polypeptide(L)'
;DIQMTQSPSSLSASVGDRVTITCRASQGIRSWLAWYQQKPEKAPKSLIYAASSLQSGVPSRFSGSGSGTDFTLTISSLQP
EDFATYYCQQYNSYPLTFGGGTKVEIKRTVAAPSVFIFPPSDEQLKSGTASVVCLLNNFYPREAKVQWKVDNALQSGNSQ
ESVTEQDSKDSTYSLSSTLTLSKADYEKHKVYACEVTHQGLSSPVTKSFNRGEC
;
L
3 'polypeptide(L)'
;HHHHHHRWRQTWSGPGTTKRFPETVLARCVKYTEIHPEMRHVDCQSVWDAFKGAFISKHPCDITEEDYQPLMKLGTQTVP
CNKILLWSRIKDLAHQFTQVQRDMFTLEDTLLGYLADDLTWCGEFATSKINYQSCPDWRKDCSNNPVSVFWKTVSRRFAE
AACDVVHVMLDGSRSKIFDKDSTFGSVEVHNLQPEKVQTLEAWVIHGGREDSRDLCQDPTIKELESIISKRNIQFSCKNI
YRPDKFLQCVKNPEDSSCTSEI
;
A
#
loop_
_chem_comp.id
_chem_comp.type
_chem_comp.name
_chem_comp.formula
EDO non-polymer 1,2-ETHANEDIOL 'C2 H6 O2'
GOL non-polymer GLYCEROL 'C3 H8 O3'
SO4 non-polymer 'SULFATE ION' 'O4 S -2'
#
# COMPACT_ATOMS: atom_id res chain seq x y z
N GLN A 1 11.09 11.78 -5.00
CA GLN A 1 12.41 11.08 -5.22
C GLN A 1 12.70 10.04 -4.12
N VAL A 2 12.11 10.14 -2.92
CA VAL A 2 12.21 9.06 -1.89
C VAL A 2 11.71 7.74 -2.50
N GLN A 3 12.42 6.64 -2.23
CA GLN A 3 12.02 5.27 -2.68
C GLN A 3 12.39 4.26 -1.59
N LEU A 4 11.62 3.18 -1.50
CA LEU A 4 11.94 2.00 -0.65
C LEU A 4 12.67 0.97 -1.52
N VAL A 5 13.81 0.50 -1.04
CA VAL A 5 14.70 -0.45 -1.76
C VAL A 5 14.81 -1.71 -0.90
N GLN A 6 14.44 -2.85 -1.46
CA GLN A 6 14.44 -4.16 -0.79
C GLN A 6 15.66 -4.98 -1.26
N SER A 7 16.03 -5.98 -0.46
CA SER A 7 17.05 -7.00 -0.81
C SER A 7 16.59 -7.83 -2.02
N GLY A 8 17.54 -8.53 -2.64
CA GLY A 8 17.32 -9.28 -3.89
C GLY A 8 16.65 -10.61 -3.65
N ALA A 9 16.41 -11.34 -4.73
CA ALA A 9 15.63 -12.59 -4.80
C ALA A 9 16.27 -13.65 -3.89
N GLU A 10 15.43 -14.48 -3.27
CA GLU A 10 15.84 -15.53 -2.31
C GLU A 10 15.30 -16.88 -2.79
N VAL A 11 16.07 -17.94 -2.59
CA VAL A 11 15.64 -19.34 -2.90
C VAL A 11 15.92 -20.17 -1.63
N LYS A 12 14.88 -20.76 -1.06
CA LYS A 12 14.91 -21.31 0.31
C LYS A 12 14.32 -22.72 0.30
N LYS A 13 14.88 -23.61 1.11
CA LYS A 13 14.33 -24.97 1.33
C LYS A 13 13.16 -24.84 2.30
N PRO A 14 12.15 -25.73 2.23
CA PRO A 14 11.11 -25.79 3.25
C PRO A 14 11.71 -25.95 4.66
N GLY A 15 11.16 -25.25 5.65
CA GLY A 15 11.59 -25.29 7.06
C GLY A 15 12.57 -24.19 7.40
N SER A 16 13.24 -23.59 6.40
CA SER A 16 14.21 -22.49 6.59
C SER A 16 13.47 -21.17 6.89
N SER A 17 14.23 -20.09 7.04
CA SER A 17 13.69 -18.73 7.28
C SER A 17 14.33 -17.78 6.27
N VAL A 18 13.64 -16.68 5.98
CA VAL A 18 14.14 -15.62 5.07
C VAL A 18 14.00 -14.29 5.81
N LYS A 19 14.99 -13.40 5.65
CA LYS A 19 14.96 -12.04 6.23
C LYS A 19 15.07 -11.06 5.06
N VAL A 20 14.02 -10.30 4.80
CA VAL A 20 13.97 -9.32 3.67
C VAL A 20 14.17 -7.92 4.27
N SER A 21 15.09 -7.14 3.69
CA SER A 21 15.39 -5.76 4.13
C SER A 21 14.56 -4.76 3.32
N CYS A 22 14.36 -3.57 3.90
CA CYS A 22 13.58 -2.45 3.32
C CYS A 22 14.18 -1.14 3.81
N LYS A 23 14.88 -0.41 2.95
CA LYS A 23 15.61 0.83 3.31
C LYS A 23 15.12 1.98 2.43
N ALA A 24 14.86 3.14 3.04
CA ALA A 24 14.50 4.39 2.34
C ALA A 24 15.77 5.06 1.78
N PHE A 25 15.71 5.55 0.55
CA PHE A 25 16.77 6.36 -0.12
C PHE A 25 16.13 7.55 -0.85
N GLY A 26 16.89 8.63 -1.02
CA GLY A 26 16.69 9.66 -2.06
C GLY A 26 15.71 10.77 -1.66
N GLY A 27 15.39 10.91 -0.38
CA GLY A 27 14.48 11.99 0.07
C GLY A 27 14.00 11.78 1.50
N THR A 28 13.15 12.71 1.95
CA THR A 28 12.41 12.63 3.24
C THR A 28 11.59 11.34 3.30
N PHE A 29 11.82 10.54 4.33
CA PHE A 29 11.05 9.31 4.66
C PHE A 29 10.28 9.56 5.95
N SER A 30 9.05 10.08 5.82
N SER A 30 9.06 10.10 5.83
CA SER A 30 8.18 10.53 6.93
CA SER A 30 8.20 10.52 6.97
C SER A 30 7.08 9.51 7.23
C SER A 30 7.06 9.51 7.21
N SER A 31 7.20 8.27 6.74
CA SER A 31 6.21 7.19 6.98
C SER A 31 6.08 6.94 8.49
N TYR A 32 4.85 6.90 9.01
CA TYR A 32 4.53 6.61 10.42
C TYR A 32 4.75 5.12 10.69
N ALA A 33 4.42 4.28 9.71
CA ALA A 33 4.47 2.81 9.80
C ALA A 33 4.99 2.22 8.49
N ILE A 34 5.63 1.05 8.59
CA ILE A 34 6.00 0.22 7.42
C ILE A 34 5.08 -1.00 7.43
N SER A 35 4.47 -1.28 6.28
CA SER A 35 3.52 -2.39 6.06
C SER A 35 4.16 -3.42 5.11
N TRP A 36 3.80 -4.69 5.27
CA TRP A 36 4.30 -5.79 4.42
C TRP A 36 3.13 -6.53 3.75
N VAL A 37 3.25 -6.71 2.44
CA VAL A 37 2.21 -7.32 1.57
C VAL A 37 2.92 -8.35 0.67
N ARG A 38 2.27 -9.49 0.42
CA ARG A 38 2.86 -10.50 -0.50
C ARG A 38 1.86 -10.82 -1.61
N GLN A 39 2.41 -11.36 -2.70
CA GLN A 39 1.66 -11.74 -3.92
C GLN A 39 2.24 -13.03 -4.46
N ALA A 40 1.49 -14.13 -4.33
CA ALA A 40 1.84 -15.44 -4.91
C ALA A 40 1.76 -15.34 -6.43
N PRO A 41 2.57 -16.11 -7.19
CA PRO A 41 2.59 -16.00 -8.65
C PRO A 41 1.18 -16.10 -9.28
N GLY A 42 0.78 -15.07 -10.02
CA GLY A 42 -0.53 -14.96 -10.69
C GLY A 42 -1.73 -14.71 -9.77
N GLN A 43 -1.50 -14.41 -8.49
N GLN A 43 -1.49 -14.41 -8.49
CA GLN A 43 -2.57 -14.22 -7.47
CA GLN A 43 -2.54 -14.22 -7.44
C GLN A 43 -2.63 -12.75 -7.04
C GLN A 43 -2.63 -12.74 -7.06
N GLY A 44 -3.53 -12.41 -6.12
CA GLY A 44 -3.73 -11.04 -5.64
C GLY A 44 -2.80 -10.66 -4.50
N LEU A 45 -3.08 -9.51 -3.91
CA LEU A 45 -2.28 -8.93 -2.79
C LEU A 45 -2.86 -9.43 -1.47
N GLU A 46 -1.98 -9.78 -0.54
CA GLU A 46 -2.32 -10.29 0.82
C GLU A 46 -1.48 -9.51 1.85
N TRP A 47 -2.14 -8.84 2.78
CA TRP A 47 -1.48 -8.10 3.88
C TRP A 47 -0.91 -9.08 4.91
N MET A 48 0.32 -8.84 5.37
CA MET A 48 1.00 -9.73 6.36
C MET A 48 1.03 -9.07 7.74
N GLY A 49 1.44 -7.81 7.80
CA GLY A 49 1.59 -7.08 9.07
C GLY A 49 2.17 -5.69 8.86
N ARG A 50 2.36 -4.99 9.97
CA ARG A 50 2.89 -3.61 9.96
C ARG A 50 3.54 -3.31 11.30
N ILE A 51 4.45 -2.34 11.32
CA ILE A 51 5.14 -1.87 12.55
C ILE A 51 5.17 -0.33 12.54
N ILE A 52 4.82 0.27 13.69
CA ILE A 52 4.89 1.75 13.89
C ILE A 52 6.34 2.06 14.25
N ARG A 53 6.96 2.96 13.48
CA ARG A 53 8.42 3.21 13.51
C ARG A 53 8.86 3.75 14.88
N PHE A 54 8.14 4.72 15.44
CA PHE A 54 8.58 5.41 16.69
C PHE A 54 8.36 4.51 17.91
N LEU A 55 7.44 3.53 17.85
CA LEU A 55 7.08 2.64 19.00
C LEU A 55 7.69 1.25 18.84
N GLY A 56 7.91 0.79 17.61
CA GLY A 56 8.37 -0.59 17.33
C GLY A 56 7.33 -1.63 17.71
N ILE A 57 6.04 -1.26 17.76
CA ILE A 57 4.91 -2.19 18.04
C ILE A 57 4.30 -2.61 16.71
N ALA A 58 4.03 -3.91 16.55
CA ALA A 58 3.58 -4.55 15.28
C ALA A 58 2.17 -5.10 15.41
N ASN A 59 1.42 -5.05 14.32
CA ASN A 59 0.12 -5.74 14.09
C ASN A 59 0.37 -6.82 13.04
N TYR A 60 -0.10 -8.05 13.27
CA TYR A 60 0.07 -9.20 12.35
C TYR A 60 -1.31 -9.76 11.97
N ALA A 61 -1.47 -10.15 10.71
CA ALA A 61 -2.59 -11.01 10.26
C ALA A 61 -2.47 -12.35 10.98
N GLN A 62 -3.59 -12.94 11.38
CA GLN A 62 -3.66 -14.18 12.20
C GLN A 62 -2.83 -15.31 11.56
N LYS A 63 -2.86 -15.46 10.23
CA LYS A 63 -2.18 -16.59 9.54
C LYS A 63 -0.64 -16.43 9.61
N PHE A 64 -0.11 -15.25 9.96
CA PHE A 64 1.35 -14.97 10.07
C PHE A 64 1.81 -14.78 11.52
N GLN A 65 0.89 -14.69 12.49
CA GLN A 65 1.22 -14.58 13.95
C GLN A 65 2.05 -15.80 14.37
N GLY A 66 3.22 -15.57 14.97
CA GLY A 66 4.15 -16.61 15.42
C GLY A 66 5.12 -17.08 14.34
N ARG A 67 4.90 -16.72 13.08
CA ARG A 67 5.76 -17.06 11.91
C ARG A 67 6.58 -15.85 11.45
N VAL A 68 6.06 -14.62 11.61
CA VAL A 68 6.65 -13.36 11.08
C VAL A 68 7.11 -12.48 12.25
N THR A 69 8.27 -11.84 12.07
CA THR A 69 8.76 -10.76 12.95
C THR A 69 9.09 -9.55 12.08
N LEU A 70 8.54 -8.39 12.43
CA LEU A 70 8.91 -7.09 11.80
C LEU A 70 9.83 -6.33 12.74
N ILE A 71 10.89 -5.76 12.18
CA ILE A 71 11.89 -4.91 12.90
C ILE A 71 11.96 -3.58 12.14
N ALA A 72 12.07 -2.47 12.88
CA ALA A 72 12.40 -1.14 12.35
C ALA A 72 13.20 -0.38 13.42
N ASP A 73 14.46 -0.80 13.66
CA ASP A 73 15.30 -0.26 14.76
C ASP A 73 15.43 1.26 14.56
N LYS A 74 15.11 2.03 15.62
CA LYS A 74 15.06 3.52 15.58
C LYS A 74 16.46 4.12 15.38
N SER A 75 17.53 3.37 15.73
CA SER A 75 18.95 3.80 15.66
C SER A 75 19.61 3.38 14.31
N THR A 76 18.86 2.83 13.36
CA THR A 76 19.33 2.52 11.98
C THR A 76 18.20 2.79 10.98
N ASN A 77 18.51 2.83 9.68
CA ASN A 77 17.54 3.27 8.64
C ASN A 77 17.01 2.09 7.83
N THR A 78 17.10 0.85 8.33
CA THR A 78 16.66 -0.37 7.61
C THR A 78 15.56 -1.07 8.42
N ALA A 79 14.46 -1.42 7.75
CA ALA A 79 13.38 -2.28 8.29
C ALA A 79 13.53 -3.69 7.72
N TYR A 80 13.01 -4.69 8.42
CA TYR A 80 13.15 -6.11 8.06
C TYR A 80 11.83 -6.84 8.30
N MET A 81 11.60 -7.84 7.45
CA MET A 81 10.55 -8.86 7.61
C MET A 81 11.27 -10.22 7.65
N GLU A 82 11.17 -10.92 8.77
CA GLU A 82 11.69 -12.31 8.91
C GLU A 82 10.50 -13.26 8.96
N LEU A 83 10.41 -14.17 7.99
CA LEU A 83 9.36 -15.24 7.91
C LEU A 83 10.07 -16.58 8.11
N SER A 84 9.64 -17.34 9.11
CA SER A 84 10.29 -18.60 9.53
C SER A 84 9.40 -19.78 9.15
N SER A 85 9.91 -21.01 9.29
N SER A 85 9.93 -20.99 9.27
CA SER A 85 9.20 -22.28 8.99
CA SER A 85 9.25 -22.28 8.98
C SER A 85 8.61 -22.23 7.58
C SER A 85 8.62 -22.23 7.58
N LEU A 86 9.41 -21.82 6.58
CA LEU A 86 8.93 -21.58 5.19
C LEU A 86 8.31 -22.85 4.60
N ARG A 87 7.19 -22.68 3.90
CA ARG A 87 6.48 -23.73 3.14
C ARG A 87 6.47 -23.32 1.67
N SER A 88 6.33 -24.30 0.76
CA SER A 88 6.22 -24.05 -0.70
C SER A 88 5.18 -22.95 -0.98
N GLU A 89 4.05 -22.94 -0.25
N GLU A 89 4.06 -22.97 -0.24
CA GLU A 89 2.94 -21.97 -0.46
CA GLU A 89 2.92 -22.01 -0.32
C GLU A 89 3.34 -20.55 -0.01
C GLU A 89 3.38 -20.56 -0.09
N ASP A 90 4.51 -20.35 0.61
CA ASP A 90 5.07 -19.00 0.90
C ASP A 90 5.82 -18.45 -0.32
N THR A 91 5.94 -19.20 -1.41
CA THR A 91 6.52 -18.71 -2.68
C THR A 91 5.71 -17.49 -3.14
N ALA A 92 6.33 -16.33 -3.22
CA ALA A 92 5.64 -15.04 -3.50
C ALA A 92 6.66 -13.93 -3.67
N VAL A 93 6.22 -12.82 -4.26
CA VAL A 93 6.92 -11.51 -4.17
C VAL A 93 6.45 -10.85 -2.86
N TYR A 94 7.41 -10.44 -2.03
CA TYR A 94 7.17 -9.74 -0.74
C TYR A 94 7.46 -8.26 -0.96
N TYR A 95 6.52 -7.39 -0.57
CA TYR A 95 6.62 -5.93 -0.71
C TYR A 95 6.65 -5.32 0.69
N CYS A 96 7.55 -4.36 0.92
CA CYS A 96 7.40 -3.40 2.03
C CYS A 96 6.72 -2.16 1.44
N ALA A 97 6.05 -1.40 2.30
CA ALA A 97 5.30 -0.19 1.90
C ALA A 97 5.18 0.76 3.09
N GLY A 98 5.14 2.07 2.81
CA GLY A 98 5.09 3.14 3.82
C GLY A 98 3.68 3.68 3.99
N GLU A 99 3.22 3.76 5.24
CA GLU A 99 1.97 4.48 5.62
C GLU A 99 2.35 5.89 6.06
N PRO A 100 1.75 6.95 5.46
CA PRO A 100 2.05 8.32 5.88
C PRO A 100 1.72 8.63 7.35
N GLY A 101 0.66 8.03 7.88
CA GLY A 101 0.24 8.18 9.29
C GLY A 101 -0.94 9.13 9.48
N GLU A 102 -1.71 9.40 8.43
CA GLU A 102 -2.97 10.20 8.53
C GLU A 102 -3.99 9.45 9.39
N ARG A 103 -3.87 8.13 9.48
CA ARG A 103 -4.67 7.25 10.36
C ARG A 103 -3.80 6.08 10.79
N ASP A 104 -4.17 5.40 11.88
CA ASP A 104 -3.48 4.20 12.40
C ASP A 104 -4.48 3.05 12.42
N PRO A 105 -4.55 2.13 11.42
CA PRO A 105 -3.68 2.13 10.24
C PRO A 105 -4.16 3.03 9.10
N ASP A 106 -3.31 3.17 8.08
CA ASP A 106 -3.48 4.08 6.92
C ASP A 106 -3.30 3.29 5.62
N ALA A 107 -3.70 3.90 4.51
CA ALA A 107 -3.32 3.47 3.14
C ALA A 107 -1.80 3.63 2.99
N VAL A 108 -1.18 2.78 2.18
CA VAL A 108 0.25 2.97 1.80
C VAL A 108 0.32 3.91 0.59
N ASP A 109 1.28 4.84 0.62
CA ASP A 109 1.51 5.83 -0.48
C ASP A 109 2.79 5.46 -1.25
N ILE A 110 3.63 4.58 -0.71
CA ILE A 110 4.94 4.22 -1.32
C ILE A 110 5.17 2.71 -1.17
N TRP A 111 5.65 2.09 -2.24
CA TRP A 111 5.94 0.63 -2.30
C TRP A 111 7.41 0.42 -2.63
N GLY A 112 8.03 -0.56 -1.98
CA GLY A 112 9.32 -1.14 -2.40
C GLY A 112 9.16 -1.89 -3.72
N GLN A 113 10.29 -2.22 -4.36
CA GLN A 113 10.30 -2.84 -5.71
C GLN A 113 9.86 -4.32 -5.62
N GLY A 114 9.84 -4.90 -4.43
CA GLY A 114 9.46 -6.31 -4.20
C GLY A 114 10.69 -7.21 -4.13
N THR A 115 10.57 -8.31 -3.40
CA THR A 115 11.58 -9.37 -3.27
C THR A 115 10.93 -10.71 -3.62
N MET A 116 11.38 -11.38 -4.66
CA MET A 116 10.87 -12.73 -5.01
C MET A 116 11.48 -13.72 -4.03
N VAL A 117 10.65 -14.49 -3.34
CA VAL A 117 11.11 -15.60 -2.45
C VAL A 117 10.53 -16.90 -3.01
N THR A 118 11.39 -17.78 -3.49
CA THR A 118 11.02 -19.15 -3.94
C THR A 118 11.30 -20.12 -2.79
N VAL A 119 10.28 -20.84 -2.33
CA VAL A 119 10.43 -21.95 -1.34
C VAL A 119 10.20 -23.26 -2.07
N SER A 120 11.22 -24.11 -2.11
CA SER A 120 11.17 -25.41 -2.84
C SER A 120 12.25 -26.36 -2.32
N SER A 121 11.93 -27.65 -2.34
CA SER A 121 12.88 -28.77 -2.08
C SER A 121 13.83 -28.99 -3.26
N ALA A 122 13.54 -28.42 -4.44
CA ALA A 122 14.33 -28.61 -5.68
C ALA A 122 15.74 -28.04 -5.53
N SER A 123 16.68 -28.58 -6.31
CA SER A 123 18.09 -28.14 -6.36
C SER A 123 18.33 -27.42 -7.70
N THR A 124 19.26 -26.46 -7.70
CA THR A 124 19.66 -25.68 -8.91
C THR A 124 19.92 -26.66 -10.06
N LYS A 125 19.32 -26.39 -11.21
CA LYS A 125 19.43 -27.23 -12.43
C LYS A 125 19.24 -26.35 -13.67
N GLY A 126 20.18 -26.43 -14.62
CA GLY A 126 20.09 -25.74 -15.91
C GLY A 126 19.08 -26.43 -16.83
N PRO A 127 18.46 -25.70 -17.78
CA PRO A 127 17.45 -26.30 -18.66
C PRO A 127 18.06 -27.21 -19.74
N SER A 128 17.30 -28.19 -20.20
CA SER A 128 17.43 -28.84 -21.53
C SER A 128 16.66 -27.97 -22.53
N VAL A 129 17.24 -27.68 -23.70
CA VAL A 129 16.64 -26.81 -24.74
C VAL A 129 16.41 -27.66 -25.99
N PHE A 130 15.15 -27.86 -26.36
CA PHE A 130 14.70 -28.68 -27.51
C PHE A 130 14.08 -27.77 -28.56
N PRO A 131 14.34 -28.03 -29.87
CA PRO A 131 13.72 -27.24 -30.93
C PRO A 131 12.24 -27.57 -31.07
N LEU A 132 11.45 -26.55 -31.42
CA LEU A 132 10.07 -26.66 -31.95
C LEU A 132 10.17 -26.31 -33.44
N ALA A 133 10.45 -27.32 -34.26
CA ALA A 133 10.88 -27.15 -35.67
C ALA A 133 9.70 -26.67 -36.51
N PRO A 134 9.90 -25.74 -37.48
CA PRO A 134 8.84 -25.35 -38.39
C PRO A 134 8.54 -26.52 -39.34
N SER A 135 7.26 -26.80 -39.59
CA SER A 135 6.79 -27.83 -40.55
C SER A 135 5.46 -27.36 -41.15
N SER A 136 4.85 -28.19 -42.00
CA SER A 136 3.48 -27.97 -42.57
C SER A 136 2.45 -27.80 -41.44
N LYS A 137 2.65 -28.48 -40.30
CA LYS A 137 1.72 -28.45 -39.13
C LYS A 137 1.91 -27.19 -38.29
N SER A 138 2.92 -26.36 -38.57
CA SER A 138 3.14 -25.04 -37.93
C SER A 138 3.24 -23.89 -38.96
N THR A 139 2.63 -24.06 -40.15
N THR A 139 2.57 -24.05 -40.12
CA THR A 139 2.56 -23.03 -41.22
CA THR A 139 2.56 -23.07 -41.24
C THR A 139 1.11 -22.64 -41.49
C THR A 139 1.11 -22.65 -41.56
N SER A 140 0.84 -21.34 -41.58
CA SER A 140 -0.41 -20.74 -42.10
C SER A 140 -0.05 -19.85 -43.30
N GLY A 141 -0.25 -20.36 -44.53
CA GLY A 141 0.05 -19.67 -45.78
C GLY A 141 1.50 -19.24 -45.87
N GLY A 142 1.77 -17.94 -45.78
CA GLY A 142 3.13 -17.35 -45.91
C GLY A 142 3.90 -17.29 -44.60
N THR A 143 3.28 -17.67 -43.46
CA THR A 143 3.88 -17.57 -42.09
C THR A 143 4.12 -18.97 -41.52
N ALA A 144 5.27 -19.16 -40.87
CA ALA A 144 5.66 -20.41 -40.18
C ALA A 144 5.96 -20.07 -38.70
N ALA A 145 5.43 -20.87 -37.78
CA ALA A 145 5.72 -20.81 -36.33
C ALA A 145 6.87 -21.76 -36.04
N LEU A 146 7.88 -21.31 -35.30
CA LEU A 146 8.97 -22.16 -34.77
C LEU A 146 9.28 -21.70 -33.34
N GLY A 147 10.05 -22.47 -32.60
CA GLY A 147 10.35 -22.10 -31.21
C GLY A 147 11.39 -22.98 -30.54
N CYS A 148 11.52 -22.80 -29.24
CA CYS A 148 12.38 -23.60 -28.34
C CYS A 148 11.58 -23.96 -27.08
N LEU A 149 11.67 -25.23 -26.67
CA LEU A 149 11.14 -25.74 -25.38
C LEU A 149 12.31 -25.74 -24.39
N VAL A 150 12.20 -24.92 -23.33
CA VAL A 150 13.23 -24.76 -22.27
C VAL A 150 12.72 -25.55 -21.06
N LYS A 151 13.18 -26.80 -20.89
CA LYS A 151 12.53 -27.80 -20.01
C LYS A 151 13.40 -28.12 -18.79
N ASP A 152 12.76 -28.30 -17.63
CA ASP A 152 13.33 -28.93 -16.41
C ASP A 152 14.48 -28.10 -15.85
N TYR A 153 14.21 -26.84 -15.51
CA TYR A 153 15.18 -25.94 -14.84
C TYR A 153 14.63 -25.51 -13.47
N PHE A 154 15.55 -25.06 -12.61
CA PHE A 154 15.24 -24.48 -11.29
C PHE A 154 16.44 -23.66 -10.82
N PRO A 155 16.25 -22.45 -10.23
CA PRO A 155 14.96 -21.79 -10.07
C PRO A 155 14.67 -20.88 -11.28
N GLU A 156 13.58 -20.11 -11.20
CA GLU A 156 13.34 -18.94 -12.08
C GLU A 156 14.42 -17.90 -11.80
N PRO A 157 14.75 -16.98 -12.75
CA PRO A 157 14.20 -16.97 -14.10
C PRO A 157 15.15 -17.55 -15.16
N VAL A 158 14.64 -17.71 -16.38
CA VAL A 158 15.45 -17.90 -17.63
C VAL A 158 15.18 -16.68 -18.51
N THR A 159 16.17 -16.27 -19.29
CA THR A 159 15.99 -15.29 -20.40
C THR A 159 16.13 -16.06 -21.71
N VAL A 160 15.22 -15.79 -22.65
CA VAL A 160 15.29 -16.32 -24.04
C VAL A 160 15.34 -15.11 -24.98
N SER A 161 16.31 -15.09 -25.88
CA SER A 161 16.37 -14.18 -27.05
C SER A 161 16.49 -15.03 -28.33
N TRP A 162 16.19 -14.38 -29.46
CA TRP A 162 16.33 -14.96 -30.81
C TRP A 162 17.39 -14.16 -31.58
N ASN A 163 18.34 -14.86 -32.21
CA ASN A 163 19.44 -14.28 -33.02
C ASN A 163 20.12 -13.17 -32.22
N SER A 164 20.46 -13.46 -30.95
CA SER A 164 21.21 -12.60 -30.00
C SER A 164 20.50 -11.26 -29.76
N GLY A 165 19.16 -11.25 -29.81
CA GLY A 165 18.32 -10.05 -29.59
C GLY A 165 17.93 -9.32 -30.87
N ALA A 166 18.41 -9.76 -32.04
CA ALA A 166 18.12 -9.13 -33.35
C ALA A 166 16.69 -9.45 -33.82
N LEU A 167 16.07 -10.53 -33.32
CA LEU A 167 14.68 -10.93 -33.67
C LEU A 167 13.82 -10.81 -32.42
N THR A 168 12.99 -9.75 -32.35
CA THR A 168 12.05 -9.46 -31.24
C THR A 168 10.59 -9.44 -31.74
N SER A 169 10.37 -9.01 -32.99
CA SER A 169 9.03 -8.88 -33.62
C SER A 169 8.38 -10.26 -33.80
N GLY A 170 7.17 -10.44 -33.27
CA GLY A 170 6.39 -11.69 -33.35
C GLY A 170 6.92 -12.78 -32.43
N VAL A 171 7.82 -12.46 -31.49
CA VAL A 171 8.30 -13.42 -30.45
C VAL A 171 7.28 -13.44 -29.30
N HIS A 172 6.87 -14.63 -28.89
CA HIS A 172 6.09 -14.88 -27.64
C HIS A 172 6.90 -15.83 -26.75
N THR A 173 7.51 -15.30 -25.69
CA THR A 173 8.16 -16.09 -24.62
C THR A 173 7.12 -16.24 -23.50
N PHE A 174 6.66 -17.46 -23.30
CA PHE A 174 5.50 -17.77 -22.42
C PHE A 174 5.94 -17.76 -20.96
N PRO A 175 5.03 -17.43 -20.02
CA PRO A 175 5.27 -17.66 -18.60
C PRO A 175 5.61 -19.13 -18.34
N ALA A 176 6.62 -19.40 -17.50
CA ALA A 176 7.01 -20.77 -17.12
C ALA A 176 5.83 -21.44 -16.39
N VAL A 177 5.72 -22.75 -16.52
CA VAL A 177 4.82 -23.59 -15.66
C VAL A 177 5.72 -24.38 -14.70
N LEU A 178 5.25 -24.53 -13.46
CA LEU A 178 5.92 -25.40 -12.46
C LEU A 178 5.36 -26.82 -12.64
N GLN A 179 6.22 -27.75 -13.01
CA GLN A 179 5.83 -29.17 -13.25
C GLN A 179 5.67 -29.86 -11.90
N SER A 180 5.00 -31.01 -11.89
CA SER A 180 4.83 -31.90 -10.70
C SER A 180 6.20 -32.32 -10.14
N SER A 181 7.24 -32.35 -10.98
CA SER A 181 8.66 -32.61 -10.62
C SER A 181 9.24 -31.52 -9.70
N GLY A 182 8.67 -30.31 -9.67
CA GLY A 182 9.25 -29.14 -8.98
C GLY A 182 10.19 -28.34 -9.89
N LEU A 183 10.34 -28.75 -11.15
CA LEU A 183 11.18 -28.04 -12.14
C LEU A 183 10.28 -27.24 -13.08
N TYR A 184 10.77 -26.11 -13.57
CA TYR A 184 10.04 -25.19 -14.46
C TYR A 184 10.20 -25.65 -15.90
N SER A 185 9.24 -25.30 -16.74
CA SER A 185 9.25 -25.51 -18.20
C SER A 185 8.64 -24.29 -18.87
N LEU A 186 9.27 -23.85 -19.95
CA LEU A 186 8.91 -22.61 -20.67
C LEU A 186 9.00 -22.92 -22.16
N SER A 187 8.16 -22.29 -22.97
CA SER A 187 8.30 -22.31 -24.44
C SER A 187 8.48 -20.87 -24.92
N SER A 188 9.32 -20.69 -25.94
CA SER A 188 9.47 -19.42 -26.67
C SER A 188 9.27 -19.71 -28.15
N VAL A 189 8.35 -18.98 -28.80
CA VAL A 189 8.01 -19.19 -30.22
C VAL A 189 8.18 -17.86 -30.97
N VAL A 190 8.32 -17.94 -32.28
CA VAL A 190 8.35 -16.75 -33.17
C VAL A 190 7.75 -17.12 -34.51
N THR A 191 7.03 -16.18 -35.12
CA THR A 191 6.42 -16.32 -36.47
C THR A 191 7.32 -15.61 -37.47
N VAL A 192 7.67 -16.30 -38.55
CA VAL A 192 8.68 -15.84 -39.56
C VAL A 192 8.09 -16.11 -40.94
N PRO A 193 8.53 -15.40 -42.00
CA PRO A 193 8.08 -15.71 -43.35
C PRO A 193 8.50 -17.13 -43.74
N SER A 194 7.52 -17.96 -44.12
CA SER A 194 7.70 -19.36 -44.60
C SER A 194 8.81 -19.45 -45.65
N SER A 195 8.89 -18.47 -46.56
N SER A 195 8.88 -18.47 -46.56
CA SER A 195 9.85 -18.44 -47.68
CA SER A 195 9.85 -18.39 -47.68
C SER A 195 11.29 -18.19 -47.20
C SER A 195 11.29 -18.22 -47.18
N SER A 196 11.50 -17.81 -45.92
CA SER A 196 12.84 -17.58 -45.32
C SER A 196 13.50 -18.88 -44.82
N LEU A 197 12.73 -19.96 -44.61
CA LEU A 197 13.13 -21.14 -43.79
C LEU A 197 14.36 -21.85 -44.35
N GLY A 198 14.54 -21.87 -45.68
CA GLY A 198 15.73 -22.49 -46.32
C GLY A 198 17.00 -21.66 -46.11
N THR A 199 16.87 -20.35 -45.89
CA THR A 199 17.96 -19.35 -46.05
C THR A 199 18.32 -18.72 -44.70
N GLN A 200 17.34 -18.13 -44.00
CA GLN A 200 17.58 -17.37 -42.74
C GLN A 200 17.80 -18.36 -41.59
N THR A 201 18.89 -18.18 -40.83
CA THR A 201 19.20 -18.93 -39.59
C THR A 201 18.37 -18.34 -38.43
N TYR A 202 17.68 -19.22 -37.69
CA TYR A 202 16.92 -18.90 -36.45
C TYR A 202 17.54 -19.71 -35.30
N ILE A 203 18.08 -19.01 -34.30
CA ILE A 203 18.69 -19.59 -33.08
C ILE A 203 18.04 -18.95 -31.86
N CYS A 204 17.55 -19.77 -30.92
CA CYS A 204 17.12 -19.28 -29.59
C CYS A 204 18.34 -19.31 -28.67
N ASN A 205 18.56 -18.21 -27.95
CA ASN A 205 19.65 -18.04 -26.95
C ASN A 205 19.00 -18.12 -25.57
N VAL A 206 19.29 -19.18 -24.81
CA VAL A 206 18.72 -19.46 -23.45
C VAL A 206 19.84 -19.22 -22.44
N ASN A 207 19.60 -18.35 -21.46
CA ASN A 207 20.53 -18.09 -20.33
C ASN A 207 19.79 -18.36 -19.02
N HIS A 208 20.32 -19.28 -18.22
CA HIS A 208 19.90 -19.59 -16.83
C HIS A 208 21.06 -19.23 -15.90
N LYS A 209 21.05 -18.00 -15.37
CA LYS A 209 22.15 -17.42 -14.55
C LYS A 209 22.42 -18.25 -13.30
N PRO A 210 21.41 -18.75 -12.55
CA PRO A 210 21.67 -19.55 -11.34
C PRO A 210 22.53 -20.80 -11.54
N SER A 211 22.44 -21.48 -12.68
CA SER A 211 23.21 -22.71 -13.03
C SER A 211 24.38 -22.37 -13.95
N ASN A 212 24.56 -21.10 -14.32
CA ASN A 212 25.60 -20.63 -15.29
C ASN A 212 25.44 -21.38 -16.62
N THR A 213 24.20 -21.66 -17.04
CA THR A 213 23.87 -22.42 -18.27
C THR A 213 23.54 -21.42 -19.39
N LYS A 214 24.30 -21.48 -20.49
CA LYS A 214 24.03 -20.76 -21.76
C LYS A 214 23.89 -21.82 -22.85
N VAL A 215 22.74 -21.88 -23.54
CA VAL A 215 22.47 -22.81 -24.67
C VAL A 215 22.05 -21.97 -25.88
N ASP A 216 22.67 -22.22 -27.03
CA ASP A 216 22.21 -21.73 -28.36
C ASP A 216 21.65 -22.93 -29.11
N LYS A 217 20.38 -22.86 -29.55
CA LYS A 217 19.73 -23.97 -30.29
C LYS A 217 19.27 -23.46 -31.66
N ARG A 218 19.89 -23.95 -32.72
CA ARG A 218 19.49 -23.71 -34.12
C ARG A 218 18.14 -24.38 -34.35
N VAL A 219 17.14 -23.63 -34.80
CA VAL A 219 15.79 -24.17 -35.12
C VAL A 219 15.65 -24.15 -36.64
N GLU A 220 15.52 -25.33 -37.25
CA GLU A 220 15.43 -25.51 -38.72
C GLU A 220 14.39 -26.58 -39.02
N PRO A 221 13.77 -26.59 -40.23
CA PRO A 221 12.77 -27.61 -40.57
C PRO A 221 13.36 -29.03 -40.64
N LYS A 222 12.50 -30.05 -40.54
CA LYS A 222 12.86 -31.49 -40.69
C LYS A 222 12.67 -31.89 -42.15
N ASP B 1 -13.11 -11.51 9.26
CA ASP B 1 -12.44 -10.59 8.28
C ASP B 1 -13.50 -9.83 7.47
N ILE B 2 -13.14 -8.64 6.97
CA ILE B 2 -13.98 -7.86 6.01
C ILE B 2 -13.62 -8.37 4.62
N GLN B 3 -14.57 -9.01 3.93
CA GLN B 3 -14.36 -9.54 2.56
C GLN B 3 -14.57 -8.38 1.58
N MET B 4 -13.58 -8.13 0.71
CA MET B 4 -13.63 -7.10 -0.33
C MET B 4 -13.90 -7.79 -1.67
N THR B 5 -14.98 -7.41 -2.35
CA THR B 5 -15.40 -8.00 -3.65
C THR B 5 -15.31 -6.90 -4.71
N GLN B 6 -14.47 -7.11 -5.72
CA GLN B 6 -14.32 -6.19 -6.88
C GLN B 6 -15.06 -6.76 -8.08
N SER B 7 -15.64 -5.88 -8.89
N SER B 7 -15.66 -5.88 -8.88
CA SER B 7 -16.46 -6.20 -10.08
CA SER B 7 -16.44 -6.23 -10.09
C SER B 7 -16.26 -5.12 -11.14
C SER B 7 -16.25 -5.12 -11.13
N PRO B 8 -16.14 -5.44 -12.45
CA PRO B 8 -16.01 -6.81 -12.93
C PRO B 8 -14.59 -7.35 -12.69
N SER B 9 -14.37 -8.67 -12.80
CA SER B 9 -13.03 -9.31 -12.69
C SER B 9 -12.13 -8.80 -13.82
N SER B 10 -12.69 -8.62 -15.03
N SER B 10 -12.69 -8.63 -15.04
CA SER B 10 -12.00 -8.06 -16.21
CA SER B 10 -12.01 -8.07 -16.24
C SER B 10 -12.91 -7.08 -16.95
C SER B 10 -12.91 -7.06 -16.93
N LEU B 11 -12.31 -6.03 -17.54
CA LEU B 11 -13.00 -4.94 -18.26
C LEU B 11 -12.23 -4.70 -19.56
N SER B 12 -12.91 -4.81 -20.70
CA SER B 12 -12.37 -4.49 -22.05
C SER B 12 -12.76 -3.05 -22.38
N ALA B 13 -11.80 -2.18 -22.70
CA ALA B 13 -12.06 -0.75 -22.96
C ALA B 13 -11.07 -0.18 -23.97
N SER B 14 -11.39 1.01 -24.48
CA SER B 14 -10.61 1.74 -25.52
C SER B 14 -10.11 3.06 -24.93
N VAL B 15 -9.00 3.56 -25.48
CA VAL B 15 -8.42 4.90 -25.17
C VAL B 15 -9.52 5.94 -25.42
N GLY B 16 -9.78 6.81 -24.44
CA GLY B 16 -10.81 7.87 -24.50
C GLY B 16 -12.10 7.49 -23.77
N ASP B 17 -12.30 6.21 -23.44
CA ASP B 17 -13.52 5.72 -22.73
C ASP B 17 -13.54 6.24 -21.29
N ARG B 18 -14.74 6.51 -20.78
CA ARG B 18 -15.01 6.66 -19.32
C ARG B 18 -15.12 5.24 -18.74
N VAL B 19 -14.31 4.93 -17.74
CA VAL B 19 -14.22 3.58 -17.11
C VAL B 19 -14.56 3.73 -15.64
N THR B 20 -15.52 2.94 -15.15
CA THR B 20 -15.92 2.88 -13.73
C THR B 20 -15.82 1.43 -13.28
N ILE B 21 -15.04 1.15 -12.23
N ILE B 21 -15.06 1.16 -12.22
CA ILE B 21 -14.90 -0.19 -11.61
CA ILE B 21 -14.93 -0.19 -11.57
C ILE B 21 -15.30 -0.04 -10.14
C ILE B 21 -15.40 -0.06 -10.12
N THR B 22 -15.85 -1.10 -9.55
N THR B 22 -15.87 -1.17 -9.54
CA THR B 22 -16.49 -1.04 -8.21
CA THR B 22 -16.59 -1.19 -8.25
C THR B 22 -15.78 -1.98 -7.25
C THR B 22 -15.83 -2.04 -7.24
N CYS B 23 -15.90 -1.66 -5.96
CA CYS B 23 -15.36 -2.41 -4.81
C CYS B 23 -16.42 -2.39 -3.71
N ARG B 24 -16.79 -3.56 -3.18
CA ARG B 24 -17.79 -3.69 -2.10
C ARG B 24 -17.16 -4.38 -0.90
N ALA B 25 -17.37 -3.83 0.29
CA ALA B 25 -16.98 -4.41 1.60
C ALA B 25 -18.17 -5.18 2.19
N SER B 26 -17.90 -6.30 2.87
CA SER B 26 -18.92 -7.16 3.52
C SER B 26 -19.46 -6.49 4.79
N GLN B 27 -18.76 -5.49 5.32
CA GLN B 27 -19.14 -4.63 6.47
C GLN B 27 -18.80 -3.16 6.16
N GLY B 28 -19.33 -2.25 6.98
CA GLY B 28 -19.01 -0.82 6.93
C GLY B 28 -17.52 -0.58 7.17
N ILE B 29 -16.90 0.24 6.32
CA ILE B 29 -15.45 0.63 6.47
C ILE B 29 -15.34 2.16 6.43
N ARG B 30 -16.45 2.89 6.62
CA ARG B 30 -16.51 4.37 6.54
C ARG B 30 -15.90 4.78 5.19
N SER B 31 -14.89 5.64 5.16
CA SER B 31 -14.18 6.04 3.91
C SER B 31 -12.76 5.46 3.85
N TRP B 32 -12.45 4.42 4.64
CA TRP B 32 -11.07 3.88 4.77
C TRP B 32 -10.82 2.80 3.71
N LEU B 33 -10.80 3.25 2.47
CA LEU B 33 -10.58 2.39 1.28
C LEU B 33 -9.52 3.04 0.39
N ALA B 34 -8.55 2.23 -0.05
CA ALA B 34 -7.43 2.65 -0.91
C ALA B 34 -7.58 1.93 -2.25
N TRP B 35 -7.10 2.56 -3.32
CA TRP B 35 -6.95 1.95 -4.67
C TRP B 35 -5.48 1.93 -5.05
N TYR B 36 -5.05 0.81 -5.62
CA TYR B 36 -3.67 0.57 -6.14
C TYR B 36 -3.77 0.08 -7.60
N GLN B 37 -2.79 0.47 -8.39
CA GLN B 37 -2.58 0.05 -9.81
C GLN B 37 -1.38 -0.88 -9.84
N GLN B 38 -1.45 -1.98 -10.59
CA GLN B 38 -0.29 -2.87 -10.80
C GLN B 38 -0.25 -3.30 -12.26
N LYS B 39 0.94 -3.27 -12.84
CA LYS B 39 1.24 -3.76 -14.21
C LYS B 39 2.08 -5.01 -14.10
N PRO B 40 2.08 -5.89 -15.12
CA PRO B 40 2.81 -7.15 -15.05
C PRO B 40 4.29 -6.98 -14.70
N GLU B 41 4.79 -7.80 -13.77
N GLU B 41 4.76 -7.76 -13.72
CA GLU B 41 6.23 -7.87 -13.35
CA GLU B 41 6.17 -7.84 -13.23
C GLU B 41 6.67 -6.54 -12.72
C GLU B 41 6.57 -6.58 -12.46
N LYS B 42 5.76 -5.81 -12.07
N LYS B 42 5.64 -5.66 -12.18
CA LYS B 42 6.10 -4.52 -11.42
CA LYS B 42 5.95 -4.38 -11.50
C LYS B 42 5.36 -4.40 -10.10
C LYS B 42 5.33 -4.37 -10.10
N ALA B 43 5.91 -3.60 -9.17
CA ALA B 43 5.33 -3.30 -7.85
C ALA B 43 4.03 -2.51 -8.04
N PRO B 44 3.07 -2.59 -7.09
CA PRO B 44 1.90 -1.72 -7.14
C PRO B 44 2.30 -0.23 -7.02
N LYS B 45 1.38 0.63 -7.46
CA LYS B 45 1.48 2.11 -7.36
C LYS B 45 0.22 2.61 -6.66
N SER B 46 0.36 3.48 -5.69
CA SER B 46 -0.77 4.03 -4.90
C SER B 46 -1.51 5.11 -5.70
N LEU B 47 -2.84 5.01 -5.78
CA LEU B 47 -3.70 5.97 -6.52
C LEU B 47 -4.53 6.80 -5.55
N ILE B 48 -5.34 6.13 -4.74
CA ILE B 48 -6.40 6.78 -3.92
C ILE B 48 -6.27 6.29 -2.48
N TYR B 49 -6.46 7.21 -1.54
CA TYR B 49 -6.63 6.93 -0.09
C TYR B 49 -7.92 7.62 0.38
N ALA B 50 -8.48 7.14 1.48
CA ALA B 50 -9.70 7.69 2.12
C ALA B 50 -10.84 7.78 1.09
N ALA B 51 -10.97 6.79 0.20
CA ALA B 51 -12.05 6.62 -0.80
C ALA B 51 -11.99 7.60 -1.99
N SER B 52 -11.66 8.88 -1.76
N SER B 52 -11.67 8.88 -1.76
CA SER B 52 -11.77 9.97 -2.78
CA SER B 52 -11.77 9.96 -2.79
C SER B 52 -10.49 10.80 -2.94
C SER B 52 -10.49 10.80 -2.94
N SER B 53 -9.48 10.65 -2.07
CA SER B 53 -8.26 11.51 -2.09
C SER B 53 -7.20 10.89 -2.99
N LEU B 54 -6.71 11.65 -3.97
CA LEU B 54 -5.63 11.23 -4.90
C LEU B 54 -4.29 11.36 -4.18
N GLN B 55 -3.43 10.34 -4.29
CA GLN B 55 -2.01 10.39 -3.89
C GLN B 55 -1.32 11.44 -4.77
N SER B 56 -0.20 12.01 -4.30
N SER B 56 -0.20 12.01 -4.29
CA SER B 56 0.59 13.05 -5.00
CA SER B 56 0.58 13.06 -5.00
C SER B 56 1.05 12.53 -6.35
C SER B 56 1.04 12.52 -6.35
N GLY B 57 0.88 13.33 -7.42
CA GLY B 57 1.32 12.98 -8.79
C GLY B 57 0.32 12.16 -9.58
N VAL B 58 -0.82 11.75 -9.00
CA VAL B 58 -1.84 10.91 -9.70
C VAL B 58 -2.62 11.85 -10.61
N PRO B 59 -2.74 11.56 -11.93
CA PRO B 59 -3.49 12.43 -12.84
C PRO B 59 -4.95 12.68 -12.43
N SER B 60 -5.46 13.88 -12.74
CA SER B 60 -6.81 14.37 -12.37
C SER B 60 -7.92 13.52 -13.01
N ARG B 61 -7.61 12.78 -14.08
CA ARG B 61 -8.59 11.88 -14.75
C ARG B 61 -9.00 10.73 -13.81
N PHE B 62 -8.22 10.44 -12.76
CA PHE B 62 -8.59 9.47 -11.70
C PHE B 62 -9.46 10.16 -10.65
N SER B 63 -10.53 9.49 -10.22
CA SER B 63 -11.36 9.92 -9.07
C SER B 63 -11.91 8.68 -8.36
N GLY B 64 -12.25 8.86 -7.09
CA GLY B 64 -12.84 7.80 -6.24
C GLY B 64 -14.04 8.33 -5.50
N SER B 65 -15.03 7.47 -5.27
CA SER B 65 -16.28 7.80 -4.55
C SER B 65 -16.73 6.60 -3.72
N GLY B 66 -17.38 6.87 -2.59
CA GLY B 66 -17.99 5.82 -1.76
C GLY B 66 -17.84 6.12 -0.29
N SER B 67 -18.84 5.71 0.48
CA SER B 67 -18.80 5.69 1.96
C SER B 67 -19.59 4.46 2.40
N GLY B 68 -19.16 3.83 3.51
CA GLY B 68 -19.84 2.65 4.08
C GLY B 68 -19.33 1.37 3.45
N THR B 69 -20.05 0.87 2.44
CA THR B 69 -19.87 -0.50 1.88
C THR B 69 -19.53 -0.49 0.38
N ASP B 70 -19.97 0.51 -0.38
CA ASP B 70 -19.93 0.50 -1.87
C ASP B 70 -19.01 1.63 -2.36
N PHE B 71 -18.02 1.27 -3.17
CA PHE B 71 -16.94 2.18 -3.62
C PHE B 71 -16.76 2.05 -5.14
N THR B 72 -16.25 3.13 -5.72
N THR B 72 -16.39 3.15 -5.80
CA THR B 72 -16.09 3.35 -7.18
CA THR B 72 -16.04 3.18 -7.23
C THR B 72 -14.70 3.94 -7.42
C THR B 72 -14.72 3.90 -7.43
N LEU B 73 -13.98 3.48 -8.46
CA LEU B 73 -12.83 4.19 -9.07
C LEU B 73 -13.26 4.52 -10.50
N THR B 74 -13.15 5.78 -10.90
CA THR B 74 -13.51 6.26 -12.25
C THR B 74 -12.27 6.87 -12.91
N ILE B 75 -11.99 6.41 -14.13
CA ILE B 75 -11.05 7.08 -15.08
C ILE B 75 -11.93 7.78 -16.12
N SER B 76 -11.90 9.11 -16.14
CA SER B 76 -12.82 9.96 -16.95
C SER B 76 -12.56 9.76 -18.44
N SER B 77 -11.28 9.63 -18.82
CA SER B 77 -10.82 9.41 -20.22
C SER B 77 -9.57 8.51 -20.19
N LEU B 78 -9.76 7.21 -20.45
CA LEU B 78 -8.72 6.16 -20.32
C LEU B 78 -7.56 6.46 -21.28
N GLN B 79 -6.32 6.45 -20.76
CA GLN B 79 -5.07 6.67 -21.52
C GLN B 79 -4.33 5.34 -21.66
N PRO B 80 -3.39 5.20 -22.63
CA PRO B 80 -2.67 3.95 -22.82
C PRO B 80 -1.95 3.41 -21.57
N GLU B 81 -1.44 4.30 -20.71
CA GLU B 81 -0.69 3.94 -19.47
C GLU B 81 -1.64 3.45 -18.37
N ASP B 82 -2.97 3.50 -18.57
CA ASP B 82 -3.99 3.12 -17.55
C ASP B 82 -4.42 1.66 -17.69
N PHE B 83 -4.08 0.97 -18.78
CA PHE B 83 -4.35 -0.49 -18.93
C PHE B 83 -3.45 -1.22 -17.94
N ALA B 84 -4.08 -1.91 -16.98
CA ALA B 84 -3.44 -2.40 -15.74
C ALA B 84 -4.47 -3.16 -14.90
N THR B 85 -4.01 -3.75 -13.80
CA THR B 85 -4.88 -4.33 -12.75
C THR B 85 -5.01 -3.31 -11.62
N TYR B 86 -6.24 -3.13 -11.14
CA TYR B 86 -6.59 -2.20 -10.03
C TYR B 86 -7.06 -3.04 -8.84
N TYR B 87 -6.52 -2.73 -7.66
CA TYR B 87 -6.86 -3.40 -6.40
C TYR B 87 -7.43 -2.36 -5.45
N CYS B 88 -8.53 -2.68 -4.78
CA CYS B 88 -9.02 -1.92 -3.62
C CYS B 88 -8.52 -2.61 -2.34
N GLN B 89 -8.43 -1.85 -1.25
CA GLN B 89 -8.03 -2.36 0.08
C GLN B 89 -8.76 -1.55 1.15
N GLN B 90 -9.47 -2.23 2.05
CA GLN B 90 -10.02 -1.60 3.29
C GLN B 90 -8.90 -1.54 4.32
N TYR B 91 -8.75 -0.40 4.99
CA TYR B 91 -7.84 -0.26 6.16
C TYR B 91 -8.62 0.24 7.39
N ASN B 92 -9.94 0.03 7.40
CA ASN B 92 -10.81 0.34 8.56
C ASN B 92 -10.34 -0.45 9.80
N SER B 93 -10.19 -1.76 9.65
CA SER B 93 -9.93 -2.67 10.80
C SER B 93 -9.16 -3.89 10.33
N TYR B 94 -8.64 -4.68 11.27
CA TYR B 94 -7.67 -5.78 11.02
C TYR B 94 -8.40 -7.10 10.83
N PRO B 95 -7.91 -8.04 9.97
CA PRO B 95 -6.76 -7.80 9.08
C PRO B 95 -7.13 -6.84 7.96
N LEU B 96 -6.14 -6.08 7.49
CA LEU B 96 -6.29 -5.23 6.28
C LEU B 96 -6.51 -6.19 5.12
N THR B 97 -7.58 -6.01 4.34
CA THR B 97 -7.99 -6.96 3.29
C THR B 97 -8.08 -6.24 1.94
N PHE B 98 -7.70 -6.98 0.89
CA PHE B 98 -7.67 -6.55 -0.51
C PHE B 98 -8.83 -7.20 -1.27
N GLY B 99 -9.38 -6.49 -2.24
CA GLY B 99 -10.23 -7.10 -3.29
C GLY B 99 -9.39 -8.00 -4.18
N GLY B 100 -10.05 -8.81 -5.01
CA GLY B 100 -9.40 -9.77 -5.91
C GLY B 100 -8.86 -9.11 -7.18
N GLY B 101 -9.18 -7.84 -7.43
CA GLY B 101 -8.62 -7.04 -8.52
C GLY B 101 -9.51 -6.98 -9.74
N THR B 102 -9.37 -5.92 -10.53
CA THR B 102 -10.05 -5.71 -11.84
C THR B 102 -8.96 -5.43 -12.89
N LYS B 103 -8.83 -6.31 -13.88
CA LYS B 103 -7.93 -6.07 -15.03
C LYS B 103 -8.66 -5.21 -16.07
N VAL B 104 -8.11 -4.04 -16.37
CA VAL B 104 -8.57 -3.15 -17.47
C VAL B 104 -7.67 -3.46 -18.67
N GLU B 105 -8.21 -4.14 -19.68
CA GLU B 105 -7.48 -4.59 -20.90
C GLU B 105 -8.01 -3.84 -22.13
N ILE B 106 -7.26 -3.90 -23.23
CA ILE B 106 -7.52 -3.13 -24.49
C ILE B 106 -8.58 -3.90 -25.28
N LYS B 107 -9.71 -3.25 -25.58
CA LYS B 107 -10.76 -3.82 -26.46
C LYS B 107 -10.21 -3.85 -27.90
N ARG B 108 -10.48 -4.93 -28.62
CA ARG B 108 -10.25 -5.02 -30.08
C ARG B 108 -11.28 -5.98 -30.67
N THR B 109 -11.24 -6.18 -31.99
CA THR B 109 -12.15 -7.08 -32.72
C THR B 109 -11.79 -8.54 -32.40
N VAL B 110 -12.80 -9.42 -32.38
CA VAL B 110 -12.62 -10.88 -32.20
C VAL B 110 -11.63 -11.35 -33.27
N ALA B 111 -10.61 -12.10 -32.85
CA ALA B 111 -9.58 -12.71 -33.71
C ALA B 111 -9.41 -14.17 -33.29
N ALA B 112 -9.68 -15.10 -34.21
CA ALA B 112 -9.49 -16.55 -34.01
C ALA B 112 -7.99 -16.84 -33.86
N PRO B 113 -7.59 -17.85 -33.05
CA PRO B 113 -6.19 -18.24 -32.98
C PRO B 113 -5.71 -18.87 -34.28
N SER B 114 -4.44 -18.64 -34.63
CA SER B 114 -3.66 -19.50 -35.56
C SER B 114 -3.14 -20.67 -34.73
N VAL B 115 -3.59 -21.90 -35.05
CA VAL B 115 -3.33 -23.12 -34.23
C VAL B 115 -2.21 -23.91 -34.90
N PHE B 116 -1.11 -24.14 -34.18
CA PHE B 116 0.10 -24.84 -34.65
C PHE B 116 0.41 -25.96 -33.64
N ILE B 117 0.86 -27.11 -34.13
CA ILE B 117 1.20 -28.29 -33.29
C ILE B 117 2.65 -28.71 -33.60
N PHE B 118 3.41 -29.01 -32.56
CA PHE B 118 4.83 -29.41 -32.62
C PHE B 118 4.99 -30.78 -31.98
N PRO B 119 5.34 -31.83 -32.75
CA PRO B 119 5.68 -33.13 -32.15
C PRO B 119 6.92 -33.01 -31.28
N PRO B 120 7.19 -34.01 -30.41
CA PRO B 120 8.44 -34.01 -29.66
C PRO B 120 9.64 -34.03 -30.60
N SER B 121 10.74 -33.37 -30.20
N SER B 121 10.74 -33.38 -30.20
CA SER B 121 12.04 -33.41 -30.90
CA SER B 121 12.06 -33.41 -30.88
C SER B 121 12.69 -34.79 -30.71
C SER B 121 12.67 -34.80 -30.71
N ASP B 122 13.55 -35.20 -31.64
CA ASP B 122 14.29 -36.49 -31.57
C ASP B 122 15.23 -36.50 -30.37
N GLU B 123 15.88 -35.36 -30.07
N GLU B 123 15.87 -35.36 -30.08
CA GLU B 123 16.83 -35.21 -28.94
CA GLU B 123 16.82 -35.18 -28.94
C GLU B 123 16.12 -35.47 -27.60
C GLU B 123 16.11 -35.47 -27.61
N GLN B 124 14.88 -34.99 -27.44
CA GLN B 124 14.08 -35.19 -26.20
C GLN B 124 13.68 -36.67 -26.09
N LEU B 125 13.29 -37.28 -27.20
CA LEU B 125 12.83 -38.71 -27.23
C LEU B 125 13.98 -39.64 -26.81
N LYS B 126 15.23 -39.29 -27.09
CA LYS B 126 16.44 -40.03 -26.62
C LYS B 126 16.48 -40.03 -25.08
N SER B 127 16.15 -38.90 -24.44
CA SER B 127 16.17 -38.74 -22.95
C SER B 127 15.01 -39.49 -22.28
N GLY B 128 14.01 -39.97 -23.03
CA GLY B 128 12.94 -40.86 -22.54
C GLY B 128 11.64 -40.12 -22.21
N THR B 129 11.50 -38.87 -22.65
CA THR B 129 10.26 -38.06 -22.46
C THR B 129 9.82 -37.49 -23.81
N ALA B 130 8.50 -37.36 -23.98
CA ALA B 130 7.82 -36.74 -25.14
C ALA B 130 6.99 -35.54 -24.67
N SER B 131 7.39 -34.31 -25.06
CA SER B 131 6.60 -33.06 -24.92
C SER B 131 5.99 -32.70 -26.27
N VAL B 132 4.66 -32.68 -26.35
CA VAL B 132 3.88 -32.28 -27.56
C VAL B 132 3.35 -30.87 -27.27
N VAL B 133 3.66 -29.89 -28.12
CA VAL B 133 3.32 -28.46 -27.88
C VAL B 133 2.24 -28.02 -28.89
N CYS B 134 1.16 -27.43 -28.37
CA CYS B 134 0.10 -26.77 -29.17
C CYS B 134 0.19 -25.27 -28.92
N LEU B 135 0.38 -24.50 -29.99
CA LEU B 135 0.46 -23.02 -29.96
C LEU B 135 -0.86 -22.46 -30.51
N LEU B 136 -1.52 -21.62 -29.71
CA LEU B 136 -2.66 -20.78 -30.14
C LEU B 136 -2.11 -19.35 -30.23
N ASN B 137 -1.93 -18.83 -31.44
CA ASN B 137 -1.17 -17.58 -31.69
C ASN B 137 -2.11 -16.41 -32.01
N ASN B 138 -1.97 -15.32 -31.25
CA ASN B 138 -2.56 -13.98 -31.54
C ASN B 138 -4.07 -14.06 -31.67
N PHE B 139 -4.78 -14.36 -30.59
CA PHE B 139 -6.27 -14.44 -30.55
C PHE B 139 -6.82 -13.40 -29.57
N TYR B 140 -8.11 -13.09 -29.71
CA TYR B 140 -8.87 -12.19 -28.81
C TYR B 140 -10.36 -12.56 -28.89
N PRO B 141 -11.11 -12.66 -27.76
CA PRO B 141 -10.61 -12.40 -26.41
C PRO B 141 -9.75 -13.52 -25.80
N ARG B 142 -9.28 -13.32 -24.57
N ARG B 142 -9.28 -13.32 -24.57
CA ARG B 142 -8.32 -14.20 -23.85
CA ARG B 142 -8.31 -14.22 -23.88
C ARG B 142 -8.91 -15.59 -23.58
C ARG B 142 -8.92 -15.60 -23.61
N GLU B 143 -10.24 -15.69 -23.44
CA GLU B 143 -10.94 -16.95 -23.07
C GLU B 143 -10.78 -17.95 -24.22
N ALA B 144 -10.12 -19.08 -23.96
CA ALA B 144 -9.88 -20.17 -24.93
C ALA B 144 -9.79 -21.52 -24.20
N LYS B 145 -10.19 -22.59 -24.87
CA LYS B 145 -10.15 -23.98 -24.34
C LYS B 145 -9.29 -24.83 -25.28
N VAL B 146 -8.31 -25.53 -24.72
CA VAL B 146 -7.49 -26.54 -25.43
C VAL B 146 -7.84 -27.89 -24.80
N GLN B 147 -8.09 -28.90 -25.65
CA GLN B 147 -8.31 -30.31 -25.24
C GLN B 147 -7.36 -31.19 -26.05
N TRP B 148 -6.50 -31.92 -25.36
CA TRP B 148 -5.61 -32.94 -25.97
C TRP B 148 -6.40 -34.23 -26.20
N LYS B 149 -6.20 -34.84 -27.37
CA LYS B 149 -6.78 -36.16 -27.75
C LYS B 149 -5.66 -37.02 -28.34
N VAL B 150 -5.51 -38.25 -27.86
CA VAL B 150 -4.51 -39.24 -28.35
C VAL B 150 -5.29 -40.47 -28.83
N ASP B 151 -5.29 -40.72 -30.15
CA ASP B 151 -6.17 -41.71 -30.83
C ASP B 151 -7.61 -41.48 -30.36
N ASN B 152 -8.05 -40.22 -30.37
CA ASN B 152 -9.45 -39.75 -30.12
C ASN B 152 -9.87 -39.92 -28.66
N ALA B 153 -8.96 -40.34 -27.76
CA ALA B 153 -9.19 -40.48 -26.30
C ALA B 153 -8.82 -39.16 -25.62
N LEU B 154 -9.79 -38.51 -24.97
CA LEU B 154 -9.61 -37.19 -24.29
C LEU B 154 -8.61 -37.36 -23.13
N GLN B 155 -7.55 -36.56 -23.13
CA GLN B 155 -6.48 -36.56 -22.09
C GLN B 155 -6.93 -35.66 -20.92
N SER B 156 -6.46 -35.99 -19.71
N SER B 156 -6.48 -36.00 -19.70
CA SER B 156 -6.68 -35.23 -18.45
CA SER B 156 -6.70 -35.25 -18.44
C SER B 156 -5.49 -35.42 -17.52
C SER B 156 -5.47 -35.42 -17.54
N GLY B 157 -5.04 -34.34 -16.88
CA GLY B 157 -4.00 -34.37 -15.83
C GLY B 157 -2.56 -34.49 -16.33
N ASN B 158 -2.33 -34.49 -17.65
CA ASN B 158 -0.97 -34.69 -18.26
C ASN B 158 -0.62 -33.51 -19.19
N SER B 159 -1.26 -32.35 -19.01
CA SER B 159 -0.98 -31.12 -19.79
C SER B 159 -0.94 -29.90 -18.85
N GLN B 160 -0.14 -28.91 -19.23
CA GLN B 160 -0.08 -27.59 -18.56
C GLN B 160 -0.01 -26.52 -19.65
N GLU B 161 -0.59 -25.35 -19.38
CA GLU B 161 -0.63 -24.23 -20.35
C GLU B 161 -0.27 -22.93 -19.65
N SER B 162 0.18 -21.94 -20.42
CA SER B 162 0.26 -20.54 -19.97
C SER B 162 -0.04 -19.61 -21.15
N VAL B 163 -0.36 -18.37 -20.79
CA VAL B 163 -0.90 -17.33 -21.70
C VAL B 163 -0.01 -16.09 -21.51
N THR B 164 0.36 -15.46 -22.62
CA THR B 164 1.10 -14.18 -22.62
C THR B 164 0.19 -13.06 -22.11
N GLU B 165 0.80 -11.97 -21.66
CA GLU B 165 0.09 -10.68 -21.41
C GLU B 165 -0.37 -10.14 -22.78
N GLN B 166 -1.41 -9.31 -22.76
CA GLN B 166 -1.97 -8.69 -23.97
C GLN B 166 -0.84 -7.97 -24.72
N ASP B 167 -0.72 -8.23 -26.02
CA ASP B 167 0.35 -7.66 -26.88
C ASP B 167 0.19 -6.15 -26.97
N SER B 168 1.30 -5.41 -26.98
CA SER B 168 1.34 -3.92 -27.04
C SER B 168 0.84 -3.43 -28.40
N LYS B 169 1.29 -4.06 -29.49
CA LYS B 169 1.04 -3.63 -30.89
C LYS B 169 -0.40 -3.95 -31.31
N ASP B 170 -0.82 -5.22 -31.21
CA ASP B 170 -2.09 -5.74 -31.83
C ASP B 170 -3.14 -6.14 -30.78
N SER B 171 -2.85 -6.03 -29.47
CA SER B 171 -3.81 -6.25 -28.36
C SER B 171 -4.32 -7.69 -28.32
N THR B 172 -3.59 -8.65 -28.89
CA THR B 172 -3.96 -10.09 -28.90
C THR B 172 -3.27 -10.82 -27.74
N TYR B 173 -3.72 -12.04 -27.49
CA TYR B 173 -3.11 -13.00 -26.54
C TYR B 173 -2.58 -14.20 -27.32
N SER B 174 -1.61 -14.90 -26.73
CA SER B 174 -1.14 -16.21 -27.24
C SER B 174 -1.12 -17.21 -26.09
N LEU B 175 -1.30 -18.49 -26.40
CA LEU B 175 -1.38 -19.59 -25.42
C LEU B 175 -0.50 -20.73 -25.92
N SER B 176 0.33 -21.28 -25.03
N SER B 176 0.34 -21.29 -25.04
CA SER B 176 1.15 -22.49 -25.22
CA SER B 176 1.14 -22.51 -25.29
C SER B 176 0.59 -23.58 -24.29
C SER B 176 0.70 -23.59 -24.31
N SER B 177 0.35 -24.78 -24.84
CA SER B 177 -0.10 -25.96 -24.08
C SER B 177 0.87 -27.10 -24.38
N THR B 178 1.40 -27.74 -23.33
CA THR B 178 2.35 -28.87 -23.45
C THR B 178 1.70 -30.14 -22.89
N LEU B 179 1.54 -31.16 -23.73
CA LEU B 179 1.20 -32.55 -23.30
C LEU B 179 2.52 -33.28 -23.05
N THR B 180 2.66 -33.93 -21.90
CA THR B 180 3.89 -34.67 -21.48
C THR B 180 3.53 -36.12 -21.20
N LEU B 181 4.11 -37.05 -21.97
CA LEU B 181 4.05 -38.52 -21.76
C LEU B 181 5.49 -39.05 -21.69
N SER B 182 5.66 -40.25 -21.15
CA SER B 182 6.91 -41.06 -21.29
C SER B 182 7.11 -41.40 -22.77
N LYS B 183 8.36 -41.68 -23.18
CA LYS B 183 8.68 -42.18 -24.53
C LYS B 183 7.88 -43.46 -24.81
N ALA B 184 7.79 -44.37 -23.83
CA ALA B 184 7.06 -45.64 -23.90
C ALA B 184 5.59 -45.40 -24.25
N ASP B 185 4.93 -44.49 -23.53
CA ASP B 185 3.49 -44.16 -23.75
C ASP B 185 3.32 -43.40 -25.08
N TYR B 186 4.29 -42.57 -25.47
CA TYR B 186 4.26 -41.79 -26.74
C TYR B 186 4.32 -42.75 -27.94
N GLU B 187 5.19 -43.76 -27.89
CA GLU B 187 5.45 -44.73 -28.99
C GLU B 187 4.33 -45.79 -29.08
N LYS B 188 3.39 -45.83 -28.13
CA LYS B 188 2.23 -46.76 -28.15
C LYS B 188 1.15 -46.23 -29.11
N HIS B 189 0.89 -44.92 -29.12
CA HIS B 189 -0.23 -44.26 -29.85
C HIS B 189 0.27 -43.60 -31.13
N LYS B 190 -0.67 -43.20 -32.02
CA LYS B 190 -0.39 -42.73 -33.41
C LYS B 190 -0.82 -41.27 -33.57
N VAL B 191 -2.11 -40.97 -33.36
CA VAL B 191 -2.75 -39.66 -33.68
C VAL B 191 -2.74 -38.78 -32.43
N TYR B 192 -1.98 -37.68 -32.47
CA TYR B 192 -1.89 -36.65 -31.39
C TYR B 192 -2.60 -35.39 -31.86
N ALA B 193 -3.70 -35.03 -31.19
CA ALA B 193 -4.63 -33.97 -31.61
C ALA B 193 -4.74 -32.89 -30.53
N CYS B 194 -4.63 -31.62 -30.96
CA CYS B 194 -4.95 -30.41 -30.17
C CYS B 194 -6.29 -29.85 -30.68
N GLU B 195 -7.36 -29.94 -29.88
CA GLU B 195 -8.71 -29.41 -30.22
C GLU B 195 -8.89 -28.06 -29.51
N VAL B 196 -9.20 -27.00 -30.27
CA VAL B 196 -9.27 -25.59 -29.77
C VAL B 196 -10.69 -25.06 -29.89
N THR B 197 -11.24 -24.53 -28.78
CA THR B 197 -12.54 -23.79 -28.74
C THR B 197 -12.24 -22.32 -28.43
N HIS B 198 -12.84 -21.41 -29.20
CA HIS B 198 -12.67 -19.94 -29.08
C HIS B 198 -13.81 -19.23 -29.83
N GLN B 199 -14.20 -18.04 -29.35
CA GLN B 199 -15.33 -17.23 -29.89
C GLN B 199 -15.18 -16.98 -31.40
N GLY B 200 -13.94 -16.79 -31.88
CA GLY B 200 -13.62 -16.50 -33.28
C GLY B 200 -13.75 -17.70 -34.20
N LEU B 201 -13.89 -18.92 -33.66
CA LEU B 201 -14.12 -20.18 -34.41
C LEU B 201 -15.59 -20.60 -34.24
N SER B 202 -16.32 -20.73 -35.35
CA SER B 202 -17.77 -21.07 -35.37
C SER B 202 -17.99 -22.50 -34.85
N SER B 203 -17.04 -23.40 -35.08
CA SER B 203 -16.95 -24.76 -34.48
C SER B 203 -15.52 -25.04 -34.02
N PRO B 204 -15.28 -25.97 -33.06
CA PRO B 204 -13.93 -26.25 -32.56
C PRO B 204 -13.01 -26.80 -33.67
N VAL B 205 -11.81 -26.22 -33.81
CA VAL B 205 -10.79 -26.68 -34.80
C VAL B 205 -9.84 -27.68 -34.11
N THR B 206 -9.52 -28.77 -34.81
CA THR B 206 -8.50 -29.77 -34.40
C THR B 206 -7.26 -29.59 -35.27
N LYS B 207 -6.09 -29.44 -34.64
CA LYS B 207 -4.75 -29.56 -35.27
C LYS B 207 -4.12 -30.86 -34.75
N SER B 208 -3.61 -31.70 -35.66
N SER B 208 -3.62 -31.71 -35.66
CA SER B 208 -3.17 -33.09 -35.35
CA SER B 208 -3.13 -33.07 -35.31
C SER B 208 -2.01 -33.51 -36.27
C SER B 208 -2.01 -33.50 -36.26
N PHE B 209 -1.25 -34.52 -35.84
CA PHE B 209 -0.21 -35.21 -36.64
C PHE B 209 -0.26 -36.71 -36.32
N ASN B 210 0.25 -37.52 -37.26
CA ASN B 210 0.52 -38.97 -37.09
C ASN B 210 2.00 -39.13 -36.72
N ARG B 211 2.29 -39.87 -35.65
CA ARG B 211 3.68 -40.10 -35.15
C ARG B 211 4.51 -40.79 -36.24
N GLY B 212 5.67 -40.23 -36.58
CA GLY B 212 6.59 -40.74 -37.63
C GLY B 212 6.03 -40.55 -39.04
N GLU B 213 5.50 -39.36 -39.34
CA GLU B 213 4.96 -38.97 -40.69
C GLU B 213 5.12 -37.47 -40.89
N HIS C 5 -4.13 48.87 18.48
CA HIS C 5 -5.20 49.55 19.29
C HIS C 5 -4.94 49.41 20.80
N HIS C 6 -4.36 48.29 21.25
CA HIS C 6 -3.94 48.06 22.67
C HIS C 6 -2.93 49.13 23.10
N ARG C 7 -2.95 49.50 24.39
CA ARG C 7 -2.13 50.61 24.92
C ARG C 7 -0.67 50.14 25.05
N TRP C 8 0.26 50.97 24.60
CA TRP C 8 1.72 50.76 24.80
C TRP C 8 2.01 50.67 26.30
N ARG C 9 2.81 49.68 26.71
CA ARG C 9 3.20 49.44 28.12
C ARG C 9 4.41 48.50 28.15
N GLN C 10 5.22 48.58 29.21
CA GLN C 10 6.52 47.88 29.34
C GLN C 10 6.45 46.79 30.42
N THR C 11 5.49 46.86 31.34
CA THR C 11 5.28 45.84 32.41
C THR C 11 3.94 45.15 32.18
N TRP C 12 3.92 43.83 32.40
CA TRP C 12 2.75 42.95 32.24
C TRP C 12 2.39 42.30 33.57
N SER C 13 1.22 41.67 33.63
CA SER C 13 0.65 41.01 34.84
C SER C 13 1.11 39.55 34.92
N GLY C 14 1.55 38.96 33.79
CA GLY C 14 1.85 37.51 33.70
C GLY C 14 3.34 37.23 33.91
N PRO C 15 3.71 35.94 34.16
CA PRO C 15 5.12 35.55 34.24
C PRO C 15 5.91 35.88 32.96
N GLY C 16 7.21 36.19 33.12
CA GLY C 16 8.12 36.51 32.00
C GLY C 16 8.40 35.28 31.16
N THR C 17 9.08 35.46 30.02
CA THR C 17 9.51 34.34 29.14
C THR C 17 10.29 33.37 30.01
N THR C 18 9.97 32.07 29.92
N THR C 18 9.99 32.07 29.88
CA THR C 18 10.61 31.00 30.72
CA THR C 18 10.64 30.95 30.63
C THR C 18 12.13 31.07 30.53
C THR C 18 12.16 31.08 30.51
N LYS C 19 12.89 30.94 31.63
CA LYS C 19 14.37 30.99 31.64
C LYS C 19 14.91 29.97 30.64
N ARG C 20 15.83 30.39 29.77
N ARG C 20 15.84 30.39 29.78
CA ARG C 20 16.50 29.55 28.73
CA ARG C 20 16.50 29.56 28.72
C ARG C 20 15.46 29.04 27.72
C ARG C 20 15.46 29.04 27.73
N PHE C 21 14.48 29.87 27.34
CA PHE C 21 13.41 29.52 26.36
C PHE C 21 14.04 29.08 25.04
N PRO C 22 14.97 29.84 24.41
CA PRO C 22 15.55 29.45 23.13
C PRO C 22 16.21 28.07 23.19
N GLU C 23 17.04 27.84 24.21
CA GLU C 23 17.77 26.56 24.44
C GLU C 23 16.76 25.43 24.69
N THR C 24 15.67 25.69 25.42
CA THR C 24 14.64 24.68 25.79
C THR C 24 13.89 24.23 24.54
N VAL C 25 13.43 25.17 23.70
CA VAL C 25 12.68 24.87 22.45
C VAL C 25 13.58 24.05 21.52
N LEU C 26 14.84 24.45 21.34
CA LEU C 26 15.80 23.74 20.44
C LEU C 26 16.04 22.31 20.97
N ALA C 27 16.33 22.16 22.27
CA ALA C 27 16.56 20.85 22.92
C ALA C 27 15.33 19.95 22.80
N ARG C 28 14.13 20.49 22.99
CA ARG C 28 12.87 19.71 22.89
C ARG C 28 12.67 19.24 21.44
N CYS C 29 12.96 20.09 20.46
CA CYS C 29 12.87 19.74 19.02
C CYS C 29 13.81 18.57 18.72
N VAL C 30 15.08 18.66 19.16
CA VAL C 30 16.12 17.60 18.97
C VAL C 30 15.59 16.29 19.56
N LYS C 31 15.11 16.33 20.81
CA LYS C 31 14.60 15.15 21.57
C LYS C 31 13.41 14.53 20.82
N TYR C 32 12.46 15.35 20.36
CA TYR C 32 11.24 14.86 19.67
C TYR C 32 11.63 14.16 18.36
N THR C 33 12.58 14.72 17.61
CA THR C 33 13.04 14.13 16.32
C THR C 33 13.83 12.83 16.55
N GLU C 34 14.45 12.66 17.73
N GLU C 34 14.46 12.67 17.73
CA GLU C 34 15.12 11.39 18.13
CA GLU C 34 15.13 11.41 18.15
C GLU C 34 14.06 10.32 18.41
C GLU C 34 14.06 10.32 18.41
N ILE C 35 12.99 10.67 19.13
CA ILE C 35 11.87 9.75 19.50
C ILE C 35 11.10 9.35 18.22
N HIS C 36 10.85 10.29 17.30
CA HIS C 36 9.98 10.14 16.12
C HIS C 36 10.81 10.14 14.84
N PRO C 37 11.30 8.97 14.34
CA PRO C 37 12.02 8.87 13.07
C PRO C 37 11.36 9.54 11.86
N GLU C 38 10.03 9.51 11.85
CA GLU C 38 9.15 10.10 10.79
C GLU C 38 9.26 11.64 10.76
N MET C 39 9.97 12.28 11.71
CA MET C 39 10.13 13.76 11.76
C MET C 39 11.62 14.16 11.73
N ARG C 40 12.54 13.27 11.32
CA ARG C 40 14.00 13.55 11.32
C ARG C 40 14.39 14.47 10.15
N HIS C 41 13.50 14.66 9.18
CA HIS C 41 13.63 15.71 8.11
C HIS C 41 13.61 17.13 8.70
N VAL C 42 13.10 17.33 9.92
CA VAL C 42 12.95 18.67 10.56
C VAL C 42 14.34 19.24 10.88
N ASP C 43 14.60 20.49 10.48
CA ASP C 43 15.79 21.29 10.89
C ASP C 43 15.40 22.09 12.13
N CYS C 44 15.87 21.70 13.31
CA CYS C 44 15.41 22.27 14.61
C CYS C 44 15.85 23.72 14.76
N GLN C 45 17.02 24.09 14.21
CA GLN C 45 17.46 25.51 14.17
C GLN C 45 16.45 26.34 13.39
N SER C 46 16.00 25.84 12.23
CA SER C 46 15.01 26.51 11.34
C SER C 46 13.66 26.67 12.06
N VAL C 47 13.24 25.64 12.80
N VAL C 47 13.21 25.68 12.84
CA VAL C 47 11.98 25.66 13.62
CA VAL C 47 11.91 25.76 13.57
C VAL C 47 12.10 26.79 14.65
C VAL C 47 12.04 26.77 14.72
N TRP C 48 13.19 26.83 15.41
CA TRP C 48 13.44 27.89 16.42
C TRP C 48 13.40 29.27 15.74
N ASP C 49 14.06 29.44 14.59
CA ASP C 49 14.11 30.74 13.86
C ASP C 49 12.70 31.19 13.53
N ALA C 50 11.85 30.28 13.02
CA ALA C 50 10.44 30.53 12.66
C ALA C 50 9.63 30.87 13.92
N PHE C 51 9.86 30.15 15.02
CA PHE C 51 9.20 30.37 16.35
C PHE C 51 9.56 31.79 16.83
N LYS C 52 10.85 32.11 16.87
CA LYS C 52 11.33 33.44 17.33
C LYS C 52 10.70 34.52 16.43
N GLY C 53 10.74 34.33 15.12
CA GLY C 53 10.23 35.29 14.12
C GLY C 53 8.76 35.61 14.30
N ALA C 54 7.97 34.70 14.86
CA ALA C 54 6.52 34.88 15.10
C ALA C 54 6.24 36.03 16.06
N PHE C 55 7.06 36.20 17.11
CA PHE C 55 6.73 37.10 18.26
C PHE C 55 7.80 38.17 18.53
N ILE C 56 9.05 37.99 18.09
CA ILE C 56 10.13 38.98 18.38
C ILE C 56 9.79 40.30 17.68
N SER C 57 10.10 41.42 18.34
CA SER C 57 10.00 42.79 17.79
C SER C 57 8.53 43.14 17.46
N LYS C 58 7.58 42.55 18.20
CA LYS C 58 6.14 42.83 18.08
C LYS C 58 5.60 43.20 19.47
N HIS C 59 4.65 44.13 19.53
CA HIS C 59 3.86 44.39 20.77
C HIS C 59 3.13 43.09 21.06
N PRO C 60 3.34 42.47 22.25
CA PRO C 60 2.74 41.15 22.53
C PRO C 60 1.24 41.17 22.85
N CYS C 61 0.49 42.19 22.39
CA CYS C 61 -0.99 42.16 22.30
C CYS C 61 -1.47 42.26 20.84
N ASP C 62 -0.55 42.37 19.88
CA ASP C 62 -0.85 42.56 18.44
C ASP C 62 -0.46 41.30 17.63
N ILE C 63 -0.37 40.14 18.28
CA ILE C 63 0.05 38.86 17.62
C ILE C 63 -1.14 38.33 16.82
N THR C 64 -0.89 37.80 15.62
CA THR C 64 -1.91 37.19 14.72
C THR C 64 -1.52 35.74 14.42
N GLU C 65 -2.49 34.93 14.00
CA GLU C 65 -2.25 33.53 13.57
C GLU C 65 -1.28 33.49 12.39
N GLU C 66 -1.35 34.49 11.50
CA GLU C 66 -0.47 34.64 10.32
C GLU C 66 1.00 34.74 10.76
N ASP C 67 1.28 35.38 11.90
CA ASP C 67 2.65 35.48 12.49
C ASP C 67 3.24 34.08 12.69
N TYR C 68 2.42 33.06 13.02
CA TYR C 68 2.87 31.67 13.29
C TYR C 68 2.88 30.78 12.03
N GLN C 69 2.51 31.29 10.85
CA GLN C 69 2.40 30.46 9.60
C GLN C 69 3.75 29.84 9.25
N PRO C 70 4.88 30.59 9.22
CA PRO C 70 6.18 29.95 9.00
C PRO C 70 6.48 28.78 9.94
N LEU C 71 6.18 28.91 11.25
CA LEU C 71 6.38 27.82 12.24
C LEU C 71 5.45 26.63 11.94
N MET C 72 4.17 26.89 11.67
N MET C 72 4.21 26.90 11.52
CA MET C 72 3.13 25.87 11.43
CA MET C 72 3.23 25.87 11.10
C MET C 72 3.56 25.00 10.25
C MET C 72 3.80 25.05 9.93
N LYS C 73 4.20 25.63 9.26
N LYS C 73 4.26 25.69 8.85
CA LYS C 73 4.66 25.01 7.99
CA LYS C 73 4.80 24.96 7.68
C LYS C 73 5.83 24.06 8.25
C LYS C 73 5.91 24.03 8.15
N LEU C 74 6.88 24.54 8.93
CA LEU C 74 8.08 23.73 9.32
C LEU C 74 7.67 22.61 10.30
N GLY C 75 6.67 22.87 11.15
CA GLY C 75 6.19 21.91 12.17
C GLY C 75 5.09 21.01 11.65
N THR C 76 4.76 21.09 10.35
CA THR C 76 3.73 20.23 9.67
C THR C 76 3.99 18.78 10.09
N GLN C 77 2.98 18.12 10.65
CA GLN C 77 3.11 16.74 11.13
C GLN C 77 1.80 16.01 10.86
N THR C 78 1.88 14.85 10.20
N THR C 78 1.91 14.83 10.25
CA THR C 78 0.76 13.90 10.04
CA THR C 78 0.79 13.88 10.05
C THR C 78 0.60 13.15 11.37
C THR C 78 0.57 13.13 11.35
N VAL C 79 -0.55 13.29 12.02
N VAL C 79 -0.59 13.32 11.99
CA VAL C 79 -0.84 12.56 13.29
CA VAL C 79 -0.98 12.64 13.26
C VAL C 79 -2.03 11.65 13.05
C VAL C 79 -2.04 11.60 12.93
N PRO C 80 -1.95 10.35 13.43
CA PRO C 80 -3.04 9.39 13.24
C PRO C 80 -4.42 9.89 13.72
N CYS C 81 -5.30 10.21 12.77
CA CYS C 81 -6.57 10.95 12.99
C CYS C 81 -7.47 10.24 14.00
N ASN C 82 -7.38 8.91 14.10
CA ASN C 82 -8.27 8.05 14.93
C ASN C 82 -7.67 7.78 16.32
N LYS C 83 -6.55 8.42 16.68
N LYS C 83 -6.55 8.42 16.68
CA LYS C 83 -5.81 8.17 17.95
CA LYS C 83 -5.82 8.17 17.96
C LYS C 83 -5.65 9.48 18.74
C LYS C 83 -5.65 9.49 18.73
N ILE C 84 -6.63 10.39 18.65
CA ILE C 84 -6.52 11.75 19.25
C ILE C 84 -7.30 11.80 20.56
N LEU C 85 -6.65 12.29 21.62
CA LEU C 85 -7.29 12.66 22.90
C LEU C 85 -7.28 14.18 23.04
N LEU C 86 -8.46 14.81 22.92
CA LEU C 86 -8.65 16.22 23.32
C LEU C 86 -8.90 16.24 24.84
N TRP C 87 -8.70 17.41 25.44
CA TRP C 87 -8.94 17.63 26.88
C TRP C 87 -9.28 19.10 27.10
N SER C 88 -10.01 19.38 28.19
CA SER C 88 -10.33 20.75 28.64
C SER C 88 -10.17 20.81 30.15
N ARG C 89 -9.19 21.59 30.63
CA ARG C 89 -8.99 21.91 32.06
C ARG C 89 -8.60 20.65 32.84
N ILE C 90 -7.95 19.67 32.19
CA ILE C 90 -7.51 18.39 32.85
C ILE C 90 -6.28 17.85 32.10
N LYS C 91 -5.29 18.71 31.88
CA LYS C 91 -4.06 18.37 31.11
C LYS C 91 -3.29 17.26 31.84
N ASP C 92 -3.26 17.31 33.18
CA ASP C 92 -2.50 16.35 34.03
C ASP C 92 -2.92 14.92 33.70
N LEU C 93 -4.20 14.59 33.75
CA LEU C 93 -4.65 13.19 33.56
C LEU C 93 -4.62 12.84 32.07
N ALA C 94 -4.91 13.79 31.17
CA ALA C 94 -4.82 13.58 29.70
C ALA C 94 -3.40 13.13 29.32
N HIS C 95 -2.37 13.76 29.89
CA HIS C 95 -0.94 13.45 29.59
C HIS C 95 -0.52 12.14 30.26
N GLN C 96 -0.99 11.87 31.49
CA GLN C 96 -0.83 10.55 32.16
C GLN C 96 -1.36 9.45 31.23
N PHE C 97 -2.53 9.65 30.62
CA PHE C 97 -3.20 8.65 29.74
C PHE C 97 -2.30 8.34 28.52
N THR C 98 -1.77 9.35 27.82
CA THR C 98 -0.98 9.14 26.58
C THR C 98 0.46 8.71 26.95
N GLN C 99 0.89 8.85 28.21
CA GLN C 99 2.17 8.26 28.68
C GLN C 99 2.02 6.73 28.79
N VAL C 100 0.84 6.27 29.21
N VAL C 100 0.82 6.21 29.10
CA VAL C 100 0.44 4.83 29.28
CA VAL C 100 0.57 4.74 29.25
C VAL C 100 0.16 4.33 27.86
C VAL C 100 -0.06 4.17 27.97
N GLN C 101 -0.80 4.98 27.20
CA GLN C 101 -1.34 4.61 25.87
C GLN C 101 -0.54 5.38 24.81
N ARG C 102 0.66 4.89 24.49
CA ARG C 102 1.70 5.67 23.75
C ARG C 102 1.34 5.81 22.26
N ASP C 103 0.38 5.04 21.76
CA ASP C 103 -0.14 5.15 20.36
C ASP C 103 -1.23 6.24 20.27
N MET C 104 -1.59 6.89 21.39
CA MET C 104 -2.59 8.00 21.44
C MET C 104 -1.87 9.34 21.59
N PHE C 105 -2.44 10.40 21.01
CA PHE C 105 -1.83 11.75 20.98
C PHE C 105 -2.80 12.77 21.58
N THR C 106 -2.31 13.55 22.55
CA THR C 106 -2.83 14.91 22.84
C THR C 106 -2.08 15.88 21.93
N LEU C 107 -2.53 17.13 21.86
CA LEU C 107 -1.85 18.22 21.11
C LEU C 107 -0.38 18.31 21.56
N GLU C 108 -0.12 18.13 22.86
CA GLU C 108 1.23 18.34 23.46
C GLU C 108 2.13 17.11 23.21
N ASP C 109 1.62 16.05 22.58
CA ASP C 109 2.42 14.88 22.09
C ASP C 109 2.80 15.05 20.61
N THR C 110 2.35 16.12 19.94
CA THR C 110 2.79 16.51 18.56
C THR C 110 4.06 17.35 18.72
N LEU C 111 4.84 17.52 17.65
CA LEU C 111 6.10 18.32 17.70
C LEU C 111 5.80 19.71 18.27
N LEU C 112 4.92 20.48 17.64
CA LEU C 112 4.72 21.92 18.01
C LEU C 112 4.17 22.02 19.44
N GLY C 113 3.20 21.19 19.82
CA GLY C 113 2.65 21.15 21.19
C GLY C 113 3.71 20.78 22.21
N TYR C 114 4.55 19.80 21.89
CA TYR C 114 5.68 19.34 22.74
C TYR C 114 6.69 20.48 22.96
N LEU C 115 6.98 21.27 21.92
CA LEU C 115 7.94 22.40 22.00
C LEU C 115 7.46 23.45 23.01
N ALA C 116 6.17 23.77 23.02
CA ALA C 116 5.61 24.94 23.72
C ALA C 116 5.02 24.58 25.09
N ASP C 117 4.81 23.28 25.38
CA ASP C 117 4.09 22.80 26.59
C ASP C 117 4.71 23.40 27.86
N ASP C 118 3.90 24.10 28.68
CA ASP C 118 4.27 24.67 30.00
C ASP C 118 5.23 25.85 29.88
N LEU C 119 5.48 26.37 28.67
CA LEU C 119 6.42 27.51 28.45
C LEU C 119 5.61 28.80 28.27
N THR C 120 6.24 29.91 28.60
CA THR C 120 5.76 31.29 28.38
C THR C 120 6.82 32.03 27.56
N TRP C 121 6.39 32.92 26.67
CA TRP C 121 7.32 33.72 25.82
C TRP C 121 6.61 34.99 25.34
N CYS C 122 7.37 36.06 25.17
CA CYS C 122 6.92 37.30 24.50
C CYS C 122 8.12 38.16 24.16
N GLY C 123 7.90 39.09 23.22
CA GLY C 123 8.88 40.10 22.83
C GLY C 123 8.44 41.47 23.28
N GLU C 124 8.95 42.50 22.59
N GLU C 124 9.03 42.51 22.67
CA GLU C 124 8.76 43.93 22.94
CA GLU C 124 8.78 43.94 22.96
C GLU C 124 8.68 44.72 21.64
C GLU C 124 8.65 44.69 21.62
N PHE C 125 7.82 45.73 21.59
CA PHE C 125 7.70 46.66 20.44
C PHE C 125 9.03 47.42 20.32
N ALA C 126 9.58 47.49 19.10
CA ALA C 126 10.70 48.39 18.68
C ALA C 126 12.07 47.90 19.19
N THR C 127 12.18 46.68 19.76
CA THR C 127 13.47 46.07 20.17
C THR C 127 13.52 44.62 19.67
N SER C 128 14.71 44.02 19.66
CA SER C 128 14.95 42.62 19.26
C SER C 128 14.98 41.70 20.50
N LYS C 129 14.52 42.18 21.65
CA LYS C 129 14.76 41.52 22.96
C LYS C 129 13.55 40.66 23.33
N ILE C 130 13.82 39.43 23.78
CA ILE C 130 12.85 38.56 24.49
C ILE C 130 12.67 39.14 25.89
N ASN C 131 11.41 39.27 26.34
CA ASN C 131 11.07 39.85 27.67
C ASN C 131 11.02 38.71 28.70
N TYR C 132 12.08 38.59 29.51
CA TYR C 132 12.19 37.60 30.62
C TYR C 132 11.59 38.15 31.93
N GLN C 133 11.22 39.43 32.00
N GLN C 133 11.28 39.44 32.01
CA GLN C 133 10.70 40.06 33.25
CA GLN C 133 10.69 40.10 33.22
C GLN C 133 9.19 39.79 33.38
C GLN C 133 9.22 39.72 33.35
N SER C 134 8.40 40.06 32.34
CA SER C 134 6.93 39.83 32.34
C SER C 134 6.39 39.64 30.91
N CYS C 135 5.25 38.98 30.82
CA CYS C 135 4.50 38.75 29.56
C CYS C 135 3.01 38.92 29.81
N PRO C 136 2.21 39.26 28.78
CA PRO C 136 0.79 39.51 28.97
C PRO C 136 0.03 38.29 29.51
N ASP C 137 -0.81 38.51 30.52
CA ASP C 137 -1.84 37.55 30.99
C ASP C 137 -3.05 37.71 30.08
N TRP C 138 -3.61 36.59 29.61
CA TRP C 138 -4.77 36.52 28.67
C TRP C 138 -5.94 37.35 29.23
N ARG C 139 -6.22 37.23 30.53
CA ARG C 139 -7.35 37.88 31.23
C ARG C 139 -6.98 39.33 31.59
N LYS C 140 -5.88 39.52 32.31
CA LYS C 140 -5.53 40.80 32.99
C LYS C 140 -4.97 41.84 32.00
N ASP C 141 -4.35 41.42 30.87
CA ASP C 141 -3.62 42.34 29.96
C ASP C 141 -4.21 42.33 28.55
N CYS C 142 -4.28 41.18 27.87
CA CYS C 142 -4.85 41.11 26.50
C CYS C 142 -4.95 39.67 25.99
N SER C 143 -5.97 39.42 25.16
N SER C 143 -5.97 39.41 25.16
CA SER C 143 -6.33 38.10 24.58
CA SER C 143 -6.30 38.07 24.61
C SER C 143 -5.29 37.66 23.55
C SER C 143 -5.29 37.66 23.54
N ASN C 144 -4.87 38.58 22.65
CA ASN C 144 -4.04 38.26 21.45
C ASN C 144 -2.55 38.35 21.78
N ASN C 145 -2.07 37.50 22.67
CA ASN C 145 -0.64 37.47 23.12
C ASN C 145 0.05 36.29 22.45
N PRO C 146 1.41 36.29 22.39
CA PRO C 146 2.15 35.22 21.72
C PRO C 146 1.71 33.81 22.10
N VAL C 147 1.53 33.55 23.41
CA VAL C 147 1.20 32.20 23.94
C VAL C 147 -0.22 31.82 23.51
N SER C 148 -1.21 32.69 23.78
CA SER C 148 -2.64 32.43 23.47
C SER C 148 -2.84 32.22 21.96
N VAL C 149 -2.21 33.05 21.12
CA VAL C 149 -2.39 32.97 19.64
C VAL C 149 -1.73 31.69 19.13
N PHE C 150 -0.57 31.31 19.66
CA PHE C 150 0.10 30.02 19.31
C PHE C 150 -0.88 28.86 19.54
N TRP C 151 -1.43 28.73 20.74
CA TRP C 151 -2.29 27.57 21.12
C TRP C 151 -3.58 27.55 20.29
N LYS C 152 -4.17 28.71 20.01
CA LYS C 152 -5.36 28.80 19.12
C LYS C 152 -5.01 28.21 17.74
N THR C 153 -3.87 28.61 17.16
CA THR C 153 -3.49 28.25 15.77
C THR C 153 -3.23 26.74 15.68
N VAL C 154 -2.42 26.17 16.58
CA VAL C 154 -2.07 24.72 16.55
C VAL C 154 -3.32 23.89 16.89
N SER C 155 -4.15 24.34 17.84
CA SER C 155 -5.35 23.60 18.31
C SER C 155 -6.35 23.41 17.16
N ARG C 156 -6.55 24.44 16.33
CA ARG C 156 -7.53 24.38 15.20
C ARG C 156 -7.07 23.28 14.22
N ARG C 157 -5.79 23.28 13.84
CA ARG C 157 -5.20 22.31 12.89
C ARG C 157 -5.26 20.88 13.47
N PHE C 158 -5.02 20.73 14.77
CA PHE C 158 -5.07 19.42 15.47
C PHE C 158 -6.50 18.87 15.43
N ALA C 159 -7.49 19.72 15.73
CA ALA C 159 -8.92 19.35 15.73
C ALA C 159 -9.35 18.97 14.32
N GLU C 160 -8.96 19.74 13.30
CA GLU C 160 -9.22 19.47 11.85
C GLU C 160 -8.65 18.10 11.45
N ALA C 161 -7.57 17.65 12.08
CA ALA C 161 -6.88 16.38 11.73
C ALA C 161 -7.65 15.15 12.24
N ALA C 162 -8.63 15.31 13.14
CA ALA C 162 -9.27 14.19 13.87
C ALA C 162 -10.28 13.45 12.98
N CYS C 163 -10.45 12.15 13.24
CA CYS C 163 -11.42 11.28 12.52
C CYS C 163 -11.94 10.18 13.46
N ASP C 164 -12.90 9.40 12.96
CA ASP C 164 -13.46 8.18 13.63
C ASP C 164 -13.98 8.63 15.00
N VAL C 165 -13.56 7.96 16.09
CA VAL C 165 -13.98 8.32 17.47
C VAL C 165 -12.90 9.24 18.05
N VAL C 166 -13.27 10.48 18.33
CA VAL C 166 -12.43 11.46 19.07
C VAL C 166 -12.88 11.40 20.53
N HIS C 167 -11.93 11.24 21.44
CA HIS C 167 -12.17 11.26 22.90
C HIS C 167 -11.81 12.66 23.41
N VAL C 168 -12.58 13.17 24.37
CA VAL C 168 -12.25 14.42 25.11
C VAL C 168 -12.41 14.15 26.61
N MET C 169 -11.35 14.40 27.38
N MET C 169 -11.37 14.42 27.38
CA MET C 169 -11.37 14.35 28.85
CA MET C 169 -11.39 14.32 28.86
C MET C 169 -11.87 15.70 29.38
C MET C 169 -11.81 15.68 29.43
N LEU C 170 -12.81 15.68 30.32
CA LEU C 170 -13.36 16.89 30.97
C LEU C 170 -13.26 16.72 32.48
N ASP C 171 -13.16 17.83 33.21
CA ASP C 171 -13.08 17.83 34.68
C ASP C 171 -14.50 17.98 35.22
N GLY C 172 -15.06 16.89 35.75
CA GLY C 172 -16.43 16.84 36.31
C GLY C 172 -16.60 17.60 37.62
N SER C 173 -15.52 18.01 38.28
N SER C 173 -15.50 18.01 38.26
CA SER C 173 -15.55 18.74 39.57
CA SER C 173 -15.48 18.72 39.56
C SER C 173 -15.80 20.24 39.36
C SER C 173 -15.48 20.25 39.39
N ARG C 174 -15.53 20.77 38.15
CA ARG C 174 -15.59 22.23 37.86
C ARG C 174 -17.05 22.67 37.74
N SER C 175 -17.31 23.97 38.00
CA SER C 175 -18.67 24.57 37.93
C SER C 175 -19.22 24.46 36.49
N LYS C 176 -18.33 24.55 35.48
CA LYS C 176 -18.65 24.29 34.05
C LYS C 176 -17.80 23.11 33.56
N ILE C 177 -18.36 21.88 33.58
N ILE C 177 -18.36 21.90 33.56
CA ILE C 177 -17.71 20.65 33.05
CA ILE C 177 -17.66 20.67 33.08
C ILE C 177 -17.18 20.97 31.65
C ILE C 177 -17.20 20.88 31.63
N PHE C 178 -18.09 21.42 30.79
CA PHE C 178 -17.79 21.95 29.44
C PHE C 178 -17.95 23.46 29.48
N ASP C 179 -16.87 24.20 29.25
CA ASP C 179 -16.89 25.68 29.15
C ASP C 179 -16.77 26.06 27.67
N LYS C 180 -17.80 26.69 27.13
CA LYS C 180 -17.85 27.12 25.71
C LYS C 180 -16.75 28.16 25.40
N ASP C 181 -16.23 28.88 26.42
CA ASP C 181 -15.21 29.95 26.23
C ASP C 181 -13.79 29.41 26.46
N SER C 182 -13.64 28.13 26.79
CA SER C 182 -12.34 27.41 26.82
C SER C 182 -11.82 27.26 25.39
N THR C 183 -10.54 26.88 25.22
CA THR C 183 -9.96 26.60 23.89
C THR C 183 -10.71 25.42 23.25
N PHE C 184 -10.94 24.35 24.02
CA PHE C 184 -11.73 23.18 23.54
C PHE C 184 -13.10 23.67 23.05
N GLY C 185 -13.77 24.49 23.86
CA GLY C 185 -15.16 24.95 23.62
C GLY C 185 -15.27 25.96 22.50
N SER C 186 -14.27 26.84 22.31
CA SER C 186 -14.32 27.99 21.37
C SER C 186 -13.57 27.70 20.06
N VAL C 187 -12.63 26.75 20.03
CA VAL C 187 -11.80 26.43 18.82
C VAL C 187 -12.00 24.97 18.43
N GLU C 188 -11.63 24.03 19.31
CA GLU C 188 -11.41 22.60 18.93
C GLU C 188 -12.71 21.97 18.47
N VAL C 189 -13.78 22.09 19.27
CA VAL C 189 -15.09 21.41 18.99
C VAL C 189 -15.63 21.87 17.63
N HIS C 190 -15.45 23.15 17.27
CA HIS C 190 -16.02 23.77 16.03
C HIS C 190 -15.18 23.44 14.80
N ASN C 191 -14.05 22.74 14.94
CA ASN C 191 -13.19 22.35 13.80
C ASN C 191 -13.13 20.83 13.65
N LEU C 192 -13.93 20.07 14.42
CA LEU C 192 -14.16 18.63 14.19
C LEU C 192 -14.97 18.52 12.90
N GLN C 193 -14.43 17.81 11.91
N GLN C 193 -14.44 17.83 11.89
CA GLN C 193 -14.99 17.74 10.53
CA GLN C 193 -15.01 17.79 10.53
C GLN C 193 -16.07 16.66 10.50
C GLN C 193 -16.06 16.68 10.46
N PRO C 194 -17.32 16.98 10.08
CA PRO C 194 -18.34 15.95 9.87
C PRO C 194 -17.90 14.86 8.87
N GLU C 195 -18.40 13.63 9.06
CA GLU C 195 -18.14 12.43 8.21
C GLU C 195 -16.74 11.89 8.56
N LYS C 196 -15.70 12.71 8.41
CA LYS C 196 -14.32 12.41 8.90
C LYS C 196 -14.41 11.94 10.36
N VAL C 197 -15.00 12.77 11.24
CA VAL C 197 -15.29 12.40 12.66
C VAL C 197 -16.66 11.70 12.69
N GLN C 198 -16.70 10.50 13.26
CA GLN C 198 -17.93 9.70 13.49
C GLN C 198 -18.58 10.15 14.80
N THR C 199 -17.80 10.16 15.88
CA THR C 199 -18.26 10.33 17.28
C THR C 199 -17.27 11.20 18.08
N LEU C 200 -17.79 12.09 18.92
CA LEU C 200 -17.04 12.69 20.06
C LEU C 200 -17.51 11.98 21.32
N GLU C 201 -16.60 11.32 22.03
CA GLU C 201 -16.89 10.60 23.29
C GLU C 201 -16.24 11.40 24.42
N ALA C 202 -17.06 12.02 25.28
CA ALA C 202 -16.60 12.76 26.48
C ALA C 202 -16.33 11.75 27.59
N TRP C 203 -15.17 11.86 28.23
CA TRP C 203 -14.83 11.19 29.51
C TRP C 203 -14.89 12.24 30.62
N VAL C 204 -15.94 12.22 31.43
CA VAL C 204 -16.15 13.17 32.57
C VAL C 204 -15.48 12.58 33.80
N ILE C 205 -14.39 13.20 34.25
CA ILE C 205 -13.54 12.71 35.38
C ILE C 205 -14.13 13.28 36.68
N HIS C 206 -14.45 12.40 37.63
CA HIS C 206 -15.06 12.75 38.94
C HIS C 206 -13.98 13.17 39.95
N GLY C 207 -14.36 14.02 40.92
CA GLY C 207 -13.54 14.41 42.08
C GLY C 207 -13.83 13.57 43.30
N GLY C 208 -13.66 14.16 44.49
CA GLY C 208 -13.64 13.44 45.78
C GLY C 208 -15.01 13.28 46.43
N ARG C 209 -16.08 13.82 45.84
CA ARG C 209 -17.42 13.92 46.49
C ARG C 209 -17.97 12.52 46.84
N GLU C 210 -18.63 12.40 48.00
N GLU C 210 -18.60 12.40 48.01
CA GLU C 210 -19.27 11.16 48.48
CA GLU C 210 -19.28 11.16 48.48
C GLU C 210 -20.59 10.94 47.73
C GLU C 210 -20.57 10.94 47.67
N ASP C 211 -21.38 12.00 47.52
CA ASP C 211 -22.67 11.96 46.77
C ASP C 211 -22.34 12.00 45.27
N SER C 212 -21.83 10.90 44.72
CA SER C 212 -21.39 10.73 43.32
C SER C 212 -22.60 10.53 42.41
N ARG C 213 -22.86 11.50 41.53
CA ARG C 213 -24.07 11.59 40.66
C ARG C 213 -23.64 11.45 39.20
N ASP C 214 -24.52 10.93 38.34
CA ASP C 214 -24.34 10.91 36.87
C ASP C 214 -24.12 12.35 36.39
N LEU C 215 -22.93 12.69 35.88
CA LEU C 215 -22.62 14.07 35.42
C LEU C 215 -22.89 14.23 33.92
N CYS C 216 -23.23 13.16 33.19
CA CYS C 216 -23.42 13.19 31.72
C CYS C 216 -24.75 13.84 31.31
N GLN C 217 -25.64 14.17 32.25
CA GLN C 217 -26.91 14.91 31.97
C GLN C 217 -26.75 16.40 32.30
N ASP C 218 -25.59 16.82 32.85
CA ASP C 218 -25.29 18.24 33.20
C ASP C 218 -25.59 19.13 32.00
N PRO C 219 -26.27 20.30 32.19
CA PRO C 219 -26.55 21.23 31.09
C PRO C 219 -25.38 21.60 30.17
N THR C 220 -24.15 21.71 30.70
CA THR C 220 -22.93 22.02 29.89
C THR C 220 -22.60 20.82 28.98
N ILE C 221 -22.89 19.58 29.42
CA ILE C 221 -22.72 18.36 28.58
C ILE C 221 -23.80 18.34 27.50
N LYS C 222 -25.04 18.71 27.84
CA LYS C 222 -26.15 18.87 26.85
C LYS C 222 -25.80 19.96 25.83
N GLU C 223 -25.15 21.04 26.27
CA GLU C 223 -24.64 22.13 25.41
C GLU C 223 -23.61 21.56 24.41
N LEU C 224 -22.66 20.77 24.90
CA LEU C 224 -21.63 20.11 24.06
C LEU C 224 -22.33 19.16 23.07
N GLU C 225 -23.26 18.33 23.56
CA GLU C 225 -24.03 17.37 22.71
C GLU C 225 -24.73 18.12 21.56
N SER C 226 -25.34 19.26 21.86
CA SER C 226 -26.07 20.11 20.89
C SER C 226 -25.11 20.65 19.83
N ILE C 227 -23.95 21.17 20.25
CA ILE C 227 -22.89 21.72 19.34
C ILE C 227 -22.51 20.63 18.33
N ILE C 228 -22.14 19.43 18.79
N ILE C 228 -22.16 19.43 18.83
CA ILE C 228 -21.59 18.38 17.89
CA ILE C 228 -21.61 18.30 18.04
C ILE C 228 -22.74 17.70 17.11
C ILE C 228 -22.71 17.68 17.17
N SER C 229 -23.95 17.63 17.67
CA SER C 229 -25.15 17.11 16.95
C SER C 229 -25.45 17.97 15.72
N LYS C 230 -25.27 19.29 15.83
CA LYS C 230 -25.48 20.27 14.72
C LYS C 230 -24.34 20.20 13.69
N ARG C 231 -23.18 19.62 14.06
CA ARG C 231 -22.07 19.29 13.11
C ARG C 231 -22.25 17.90 12.47
N ASN C 232 -23.39 17.23 12.72
N ASN C 232 -23.39 17.22 12.74
CA ASN C 232 -23.73 15.87 12.22
CA ASN C 232 -23.74 15.88 12.20
C ASN C 232 -22.69 14.85 12.71
C ASN C 232 -22.71 14.84 12.72
N ILE C 233 -22.31 14.96 13.98
CA ILE C 233 -21.37 14.03 14.66
C ILE C 233 -22.13 13.43 15.85
N GLN C 234 -21.95 12.12 16.08
CA GLN C 234 -22.58 11.40 17.22
C GLN C 234 -21.89 11.84 18.51
N PHE C 235 -22.65 11.94 19.60
CA PHE C 235 -22.11 12.25 20.95
C PHE C 235 -22.28 11.02 21.85
N SER C 236 -21.23 10.76 22.62
CA SER C 236 -21.19 9.74 23.71
C SER C 236 -20.62 10.42 24.95
N CYS C 237 -21.13 10.05 26.13
CA CYS C 237 -20.61 10.56 27.43
C CYS C 237 -20.40 9.39 28.38
N LYS C 238 -19.21 9.31 28.98
CA LYS C 238 -18.82 8.29 29.98
C LYS C 238 -18.48 8.99 31.29
N ASN C 239 -19.07 8.53 32.39
CA ASN C 239 -18.63 8.88 33.77
C ASN C 239 -17.39 8.06 34.11
N ILE C 240 -16.27 8.73 34.45
N ILE C 240 -16.27 8.73 34.45
CA ILE C 240 -15.06 8.09 35.04
CA ILE C 240 -15.05 8.09 35.03
C ILE C 240 -15.03 8.42 36.53
C ILE C 240 -15.03 8.42 36.53
N TYR C 241 -15.62 7.53 37.36
CA TYR C 241 -15.83 7.74 38.81
C TYR C 241 -14.49 7.68 39.56
N ARG C 242 -13.57 6.80 39.15
CA ARG C 242 -12.25 6.57 39.81
C ARG C 242 -11.13 6.70 38.79
N PRO C 243 -10.58 7.92 38.54
CA PRO C 243 -9.54 8.12 37.53
C PRO C 243 -8.23 7.35 37.82
N ASP C 244 -7.90 7.13 39.10
CA ASP C 244 -6.77 6.27 39.54
C ASP C 244 -6.97 4.84 39.02
N LYS C 245 -8.20 4.30 39.09
CA LYS C 245 -8.53 2.92 38.63
C LYS C 245 -8.52 2.89 37.09
N PHE C 246 -9.12 3.89 36.45
CA PHE C 246 -9.14 4.10 34.98
C PHE C 246 -7.72 4.00 34.41
N LEU C 247 -6.77 4.76 34.99
CA LEU C 247 -5.36 4.86 34.52
C LEU C 247 -4.62 3.52 34.66
N GLN C 248 -4.97 2.70 35.67
N GLN C 248 -4.95 2.71 35.68
CA GLN C 248 -4.44 1.32 35.85
CA GLN C 248 -4.45 1.32 35.85
C GLN C 248 -5.11 0.37 34.85
C GLN C 248 -5.09 0.40 34.81
N CYS C 249 -6.42 0.48 34.66
CA CYS C 249 -7.25 -0.32 33.70
C CYS C 249 -6.85 -0.03 32.24
N VAL C 250 -6.50 1.21 31.92
CA VAL C 250 -6.22 1.73 30.53
C VAL C 250 -5.04 0.98 29.89
N LYS C 251 -4.13 0.41 30.69
CA LYS C 251 -2.93 -0.34 30.22
C LYS C 251 -3.29 -1.49 29.28
N ASN C 252 -4.46 -2.15 29.45
CA ASN C 252 -4.86 -3.38 28.70
C ASN C 252 -5.12 -3.07 27.23
N PRO C 253 -6.12 -2.23 26.84
CA PRO C 253 -6.37 -1.93 25.43
C PRO C 253 -5.31 -0.99 24.84
S SO4 D . 5.91 -27.71 2.69
O1 SO4 D . 6.68 -28.92 2.91
O2 SO4 D . 4.61 -28.06 2.20
O3 SO4 D . 6.59 -26.87 1.73
O4 SO4 D . 5.78 -26.99 3.94
C1 GOL E . 20.78 -11.88 -3.12
O1 GOL E . 19.56 -11.88 -3.86
C2 GOL E . 20.55 -12.28 -1.69
O2 GOL E . 21.79 -12.31 -0.99
C3 GOL E . 19.56 -11.37 -0.97
O3 GOL E . 19.83 -11.26 0.42
C1 GOL F . 4.58 -22.30 -21.04
O1 GOL F . 5.83 -21.62 -21.10
C2 GOL F . 4.71 -23.77 -21.37
O2 GOL F . 5.60 -24.41 -20.44
C3 GOL F . 3.37 -24.50 -21.35
O3 GOL F . 3.05 -25.07 -22.61
S SO4 G . -8.77 24.40 27.58
S SO4 G . -8.45 26.94 28.50
O1 SO4 G . -9.86 23.90 26.78
O1 SO4 G . -8.61 25.77 29.33
O2 SO4 G . -8.84 23.80 28.89
O2 SO4 G . -9.42 27.93 28.89
O3 SO4 G . -8.86 25.82 27.70
O3 SO4 G . -8.65 26.59 27.13
O4 SO4 G . -7.52 24.04 26.95
O4 SO4 G . -7.12 27.47 28.67
S SO4 H . -14.45 26.66 39.52
O1 SO4 H . -14.80 25.41 38.90
O2 SO4 H . -13.74 26.43 40.75
O3 SO4 H . -15.64 27.41 39.79
O4 SO4 H . -13.60 27.42 38.64
C1 EDO I . -1.35 23.28 26.60
O1 EDO I . -2.13 23.47 25.43
C2 EDO I . -1.46 24.41 27.58
O2 EDO I . -2.78 24.72 28.00
C1 EDO J . -14.28 2.78 12.49
O1 EDO J . -13.32 3.44 11.69
C2 EDO J . -14.95 3.68 13.49
O2 EDO J . -14.24 3.85 14.70
#